data_9W6W
#
_entry.id   9W6W
#
_cell.length_a   1.00
_cell.length_b   1.00
_cell.length_c   1.00
_cell.angle_alpha   90.00
_cell.angle_beta   90.00
_cell.angle_gamma   90.00
#
_symmetry.space_group_name_H-M   'P 1'
#
loop_
_entity.id
_entity.type
_entity.pdbx_description
1 polymer 'Guanine nucleotide-binding protein G(I)/G(S)/G(T) subunit beta-1'
2 polymer 'Guanine nucleotide-binding protein G(I)/G(S)/G(O) subunit gamma-2'
3 polymer 'Guanine nucleotide-binding protein G(i) subunit alpha-1'
4 polymer scFv16
5 polymer 'Soluble cytochrome b562,5-hydroxytryptamine receptor 5A'
6 non-polymer 3-(2-azanylethyl)-1H-indole-5-carboxamide
#
loop_
_entity_poly.entity_id
_entity_poly.type
_entity_poly.pdbx_seq_one_letter_code
_entity_poly.pdbx_strand_id
1 'polypeptide(L)'
;MHHHHHHLEVLFQGPGSSGSELDQLRQEAEQLKNQIRDARKACADATLSQITNNIDPVGRIQMRTRRTLRGHLAKIYAMH
WGTDSRLLVSASQDGKLIIWDSYTTNKVHAIPLRSSWVMTCAYAPSGNYVACGGLDNICSIYNLKTREGNVRVSRELAGH
TGYLSCCRFLDDNQIVTSSGDTTCALWDIETGQQTTTFTGHTGDVMSLSLAPDTRLFVSGACDASAKLWDVREGMCRQTF
TGHESDINAICFFPNGNAFATGSDDATCRLFDLRADQELMTYSHDNIICGITSVSFSKSGRLLLAGYDDFNCNVWDALKA
DRAGVLAGHDNRVSCLGVTDDGMAVATGSWDSFLKIWNG
;
B
2 'polypeptide(L)' MASNNTASIAQARKLVEQLKMEANIDRIKVSKAAADLMAYCEAHAKEDPLLTPVPASENPFREKKFFCAIL C
3 'polypeptide(L)'
;MGCTLSAEDKAAVERSKMIDRNLREDGEKAAREVKLLLLGAGESGKNTIVKQMKIIHEAGYSEEECKQYKAVVYSNTIQS
IIAIIRAMGRLKIDFGDSARADDARQLFVLAGAAEEGFMTAELAGVIKRLWKDSGVQACFNRSREYQLNDSAAYYLNDLD
RIAQPNYIPTQQDVLRTRVKTTGIVETHFTFKDLHFKMFDVGAQRSERKKWIHCFEGVTAIIFCVALSDYDLVLAEDEEM
NRMHASMKLFDSICNNKWFTDTSIILFLNKKDLFEEKIKKSPLTICYPEYAGSNTYEEAAAYIQCQFEDLNKRKDTKEIY
THFTCSTDTKNVQFVFDAVTDVIIKNNLKDCGLF
;
A
4 'polypeptide(L)'
;MDVQLVESGGGLVQPGGSRKLSCSASGFAFSSFGMHWVRQAPEKGLEWVAYISSGSGTIYYADTVKGRFTISRDDPKNTL
FLQMTSLRSEDTAMYYCVRSIYYYGSSPFDFWGQGTTLTVSSGGGGSGGGGSGGGSSDIVMTQATSSVPVTPGESVSISC
RSSKSLLHSNGNTYLYWFLQRPGQSPQLLIYRMSNLASGVPDRFSGSGSGTAFTLTISRLEAEDVGVYYCMQHLEYPLTF
GAGTKLELKAAAHHHHHH
;
E
5 'polypeptide(L)'
;MKTIIALSYIFCLVFADYKDDDDAGRAADLEDNWETLNDNLKVIEKADNAAQVKDALTKMRAAALDAQKATPPKLEDKSP
DSPEMKDFRHGFDILVGQIDDALKLANEGKVKEAQAAAEQLKTTRNAYIQKYSFSLSTPSPLETNHSLGKDDLRPSSPLL
SVFGVLILTLLGFLVAATFAWNLLVLATILRVRTFHRVPHNLVASMAVSDVLVAALVMPLSLVHELSGRRWQLGRRLCQL
WIACDVLCCTASIWNVTAIALDRYWSITRHMEYTLRTRKCVSNVMIALTWALSAVISLAPLLFGWGETYSEGSEECQVSR
EPSYAVFSTVGAFYLPLCVVLFVYWKIYKAAKFRVGSRKTNSVSPISEAVEVKDSAKQPQMVFTVRHATVTFQPEGDTWR
EQKEQRAALMVGILIGVFVLCWIPFFLTELISPLCSCDIPAIWKSIFLWLGYSNSFFNPLIYTAFNKNYNSAFKNFFSRQ
H
;
R
#
# COMPACT_ATOMS: atom_id res chain seq x y z
N SER A 20 -32.69 47.73 -10.50
CA SER A 20 -33.61 48.42 -9.60
C SER A 20 -33.17 48.27 -8.15
N GLU A 21 -33.59 47.19 -7.51
CA GLU A 21 -33.27 46.93 -6.11
C GLU A 21 -31.95 46.20 -5.92
N LEU A 22 -31.35 45.70 -7.01
CA LEU A 22 -30.08 44.97 -6.91
C LEU A 22 -28.97 45.87 -6.38
N ASP A 23 -28.91 47.12 -6.87
CA ASP A 23 -27.83 48.01 -6.45
C ASP A 23 -27.91 48.33 -4.97
N GLN A 24 -29.11 48.61 -4.44
CA GLN A 24 -29.19 48.94 -3.03
C GLN A 24 -28.99 47.70 -2.18
N LEU A 25 -29.39 46.53 -2.69
CA LEU A 25 -29.11 45.28 -1.98
C LEU A 25 -27.60 45.05 -1.88
N ARG A 26 -26.88 45.28 -2.98
CA ARG A 26 -25.43 45.14 -2.96
C ARG A 26 -24.78 46.14 -2.00
N GLN A 27 -25.26 47.39 -2.00
CA GLN A 27 -24.71 48.39 -1.09
C GLN A 27 -24.97 48.00 0.36
N GLU A 28 -26.16 47.50 0.67
CA GLU A 28 -26.47 47.06 2.02
C GLU A 28 -25.60 45.88 2.44
N ALA A 29 -25.37 44.93 1.53
CA ALA A 29 -24.48 43.82 1.84
C ALA A 29 -23.06 44.30 2.10
N GLU A 30 -22.58 45.24 1.29
CA GLU A 30 -21.23 45.77 1.48
C GLU A 30 -21.10 46.50 2.81
N GLN A 31 -22.11 47.30 3.17
CA GLN A 31 -22.04 48.01 4.44
C GLN A 31 -22.17 47.06 5.62
N LEU A 32 -22.94 45.98 5.47
CA LEU A 32 -23.00 44.97 6.52
C LEU A 32 -21.65 44.29 6.71
N LYS A 33 -20.97 43.94 5.60
CA LYS A 33 -19.65 43.36 5.70
C LYS A 33 -18.66 44.32 6.34
N ASN A 34 -18.75 45.60 5.98
CA ASN A 34 -17.88 46.60 6.59
C ASN A 34 -18.15 46.72 8.09
N GLN A 35 -19.42 46.67 8.49
CA GLN A 35 -19.75 46.73 9.92
C GLN A 35 -19.21 45.53 10.66
N ILE A 36 -19.32 44.34 10.06
CA ILE A 36 -18.79 43.13 10.69
C ILE A 36 -17.28 43.24 10.86
N ARG A 37 -16.58 43.70 9.81
CA ARG A 37 -15.13 43.83 9.90
C ARG A 37 -14.73 44.90 10.91
N ASP A 38 -15.52 45.97 11.02
CA ASP A 38 -15.23 47.02 12.00
C ASP A 38 -15.38 46.48 13.42
N ALA A 39 -16.44 45.72 13.67
CA ALA A 39 -16.60 45.10 14.99
C ALA A 39 -15.48 44.12 15.29
N ARG A 40 -15.08 43.34 14.28
CA ARG A 40 -13.99 42.38 14.46
C ARG A 40 -12.68 43.09 14.82
N LYS A 41 -12.38 44.21 14.14
CA LYS A 41 -11.18 44.95 14.45
C LYS A 41 -11.27 45.62 15.82
N ALA A 42 -12.45 46.14 16.16
CA ALA A 42 -12.62 46.83 17.44
C ALA A 42 -12.50 45.89 18.62
N CYS A 43 -12.92 44.64 18.47
CA CYS A 43 -12.82 43.69 19.57
C CYS A 43 -11.43 43.06 19.66
N ALA A 44 -10.51 43.39 18.76
CA ALA A 44 -9.15 42.85 18.77
C ALA A 44 -8.29 43.75 19.66
N ASP A 45 -7.98 43.26 20.87
CA ASP A 45 -7.18 44.06 21.80
C ASP A 45 -5.68 43.94 21.50
N ALA A 46 -5.14 42.72 21.62
CA ALA A 46 -3.72 42.51 21.41
C ALA A 46 -3.49 41.11 20.87
N THR A 47 -2.35 40.93 20.21
CA THR A 47 -2.00 39.64 19.64
C THR A 47 -1.62 38.65 20.73
N LEU A 48 -1.75 37.36 20.40
CA LEU A 48 -1.43 36.31 21.37
C LEU A 48 0.07 36.16 21.56
N SER A 49 0.88 36.64 20.62
CA SER A 49 2.32 36.49 20.72
C SER A 49 2.88 37.25 21.92
N GLN A 50 2.34 38.44 22.20
CA GLN A 50 2.83 39.22 23.33
C GLN A 50 2.54 38.51 24.65
N ILE A 51 1.39 37.86 24.76
CA ILE A 51 1.02 37.20 26.02
C ILE A 51 1.99 36.08 26.34
N THR A 52 2.37 35.27 25.33
CA THR A 52 3.26 34.14 25.53
C THR A 52 4.73 34.51 25.35
N ASN A 53 5.09 35.78 25.57
CA ASN A 53 6.48 36.20 25.41
C ASN A 53 7.37 35.54 26.46
N ASN A 54 6.89 35.44 27.70
CA ASN A 54 7.67 34.91 28.81
C ASN A 54 7.33 33.46 29.12
N ILE A 55 7.05 32.66 28.10
CA ILE A 55 6.70 31.25 28.26
C ILE A 55 7.93 30.42 27.92
N ASP A 56 8.26 29.46 28.78
CA ASP A 56 9.40 28.60 28.53
C ASP A 56 9.14 27.76 27.29
N PRO A 57 10.01 27.80 26.29
CA PRO A 57 9.78 27.03 25.06
C PRO A 57 9.95 25.54 25.29
N VAL A 58 9.36 24.76 24.38
CA VAL A 58 9.37 23.31 24.51
C VAL A 58 10.78 22.76 24.39
N GLY A 59 11.59 23.34 23.51
CA GLY A 59 12.96 22.88 23.33
C GLY A 59 13.17 22.11 22.05
N ARG A 60 13.49 20.83 22.16
CA ARG A 60 13.73 19.97 21.01
C ARG A 60 12.88 18.71 21.12
N ILE A 61 12.31 18.29 20.00
CA ILE A 61 11.46 17.11 19.92
C ILE A 61 12.13 16.10 19.00
N GLN A 62 12.33 14.89 19.50
CA GLN A 62 12.93 13.81 18.73
C GLN A 62 11.96 12.63 18.70
N MET A 63 11.69 12.12 17.51
CA MET A 63 10.80 10.97 17.32
C MET A 63 11.44 9.99 16.35
N ARG A 64 11.25 8.70 16.60
CA ARG A 64 11.81 7.64 15.78
C ARG A 64 10.72 6.67 15.35
N THR A 65 10.91 6.06 14.19
CA THR A 65 9.94 5.13 13.65
C THR A 65 9.96 3.84 14.45
N ARG A 66 8.87 3.54 15.15
CA ARG A 66 8.78 2.35 15.96
C ARG A 66 8.22 1.16 15.19
N ARG A 67 7.25 1.40 14.32
CA ARG A 67 6.64 0.34 13.52
C ARG A 67 6.52 0.79 12.07
N THR A 68 6.50 -0.19 11.17
CA THR A 68 6.31 0.06 9.75
C THR A 68 5.37 -1.01 9.21
N LEU A 69 4.31 -0.58 8.52
CA LEU A 69 3.27 -1.49 8.05
C LEU A 69 3.27 -1.49 6.52
N ARG A 70 3.24 -2.68 5.93
CA ARG A 70 3.33 -2.84 4.48
C ARG A 70 2.25 -3.82 4.02
N GLY A 71 1.88 -3.69 2.74
CA GLY A 71 0.86 -4.55 2.17
C GLY A 71 -0.02 -3.87 1.14
N HIS A 72 0.01 -2.54 1.08
CA HIS A 72 -0.74 -1.78 0.09
C HIS A 72 0.10 -1.61 -1.16
N LEU A 73 -0.37 -2.15 -2.29
CA LEU A 73 0.34 -2.02 -3.55
C LEU A 73 -0.16 -0.83 -4.39
N ALA A 74 -0.27 0.34 -3.76
CA ALA A 74 -0.74 1.55 -4.43
C ALA A 74 -0.64 2.75 -3.50
N LYS A 75 -1.00 3.92 -3.99
CA LYS A 75 -1.00 5.12 -3.15
C LYS A 75 -2.03 4.98 -2.02
N ILE A 76 -1.68 5.53 -0.86
CA ILE A 76 -2.54 5.52 0.31
C ILE A 76 -3.14 6.92 0.46
N TYR A 77 -4.47 6.98 0.62
CA TYR A 77 -5.17 8.26 0.59
C TYR A 77 -5.79 8.69 1.92
N ALA A 78 -6.08 7.74 2.82
CA ALA A 78 -6.71 8.12 4.08
C ALA A 78 -6.46 7.04 5.12
N MET A 79 -6.65 7.42 6.39
CA MET A 79 -6.57 6.49 7.51
C MET A 79 -7.34 7.08 8.68
N HIS A 80 -7.65 6.23 9.65
CA HIS A 80 -8.35 6.67 10.84
C HIS A 80 -8.01 5.75 12.01
N TRP A 81 -7.77 6.34 13.17
CA TRP A 81 -7.44 5.58 14.37
C TRP A 81 -8.71 5.07 15.04
N GLY A 82 -8.61 3.88 15.64
CA GLY A 82 -9.69 3.37 16.44
C GLY A 82 -9.81 4.11 17.77
N THR A 83 -10.96 3.96 18.40
CA THR A 83 -11.21 4.66 19.66
C THR A 83 -10.46 4.05 20.83
N ASP A 84 -9.89 2.86 20.68
CA ASP A 84 -9.13 2.21 21.73
C ASP A 84 -7.63 2.38 21.57
N SER A 85 -7.20 3.20 20.60
CA SER A 85 -5.79 3.53 20.37
C SER A 85 -4.95 2.31 20.02
N ARG A 86 -5.56 1.27 19.48
CA ARG A 86 -4.81 0.09 19.07
C ARG A 86 -5.09 -0.33 17.64
N LEU A 87 -6.33 -0.20 17.17
CA LEU A 87 -6.70 -0.64 15.84
C LEU A 87 -6.62 0.52 14.85
N LEU A 88 -6.45 0.16 13.57
CA LEU A 88 -6.23 1.13 12.51
C LEU A 88 -6.96 0.67 11.25
N VAL A 89 -7.34 1.60 10.35
CA VAL A 89 -8.04 1.34 9.04
C VAL A 89 -7.29 2.16 7.98
N SER A 90 -7.01 1.61 6.80
CA SER A 90 -6.34 2.36 5.73
C SER A 90 -7.00 2.04 4.41
N ALA A 91 -7.04 2.96 3.46
CA ALA A 91 -7.71 2.80 2.17
C ALA A 91 -6.80 3.25 1.06
N SER A 92 -6.67 2.47 0.00
CA SER A 92 -5.74 2.79 -1.08
C SER A 92 -6.42 2.64 -2.41
N GLN A 93 -5.83 3.20 -3.47
CA GLN A 93 -6.48 3.17 -4.80
C GLN A 93 -6.20 1.82 -5.48
N ASP A 94 -5.80 0.82 -4.69
CA ASP A 94 -5.75 -0.55 -5.25
C ASP A 94 -7.06 -1.32 -5.05
N GLY A 95 -7.99 -0.69 -4.32
CA GLY A 95 -9.31 -1.29 -4.12
C GLY A 95 -9.35 -2.15 -2.88
N LYS A 96 -8.64 -1.76 -1.83
CA LYS A 96 -8.56 -2.61 -0.62
C LYS A 96 -8.71 -1.79 0.66
N LEU A 97 -9.38 -2.35 1.66
CA LEU A 97 -9.56 -1.72 2.97
C LEU A 97 -8.99 -2.68 4.02
N ILE A 98 -7.92 -2.27 4.68
CA ILE A 98 -7.16 -3.14 5.57
C ILE A 98 -7.28 -2.61 6.99
N ILE A 99 -7.51 -3.51 7.94
CA ILE A 99 -7.56 -3.19 9.36
C ILE A 99 -6.33 -3.78 10.03
N TRP A 100 -5.47 -2.92 10.55
CA TRP A 100 -4.22 -3.34 11.16
C TRP A 100 -4.36 -3.46 12.67
N ASP A 101 -3.40 -4.17 13.27
CA ASP A 101 -3.19 -4.19 14.72
C ASP A 101 -1.82 -3.55 14.94
N SER A 102 -1.82 -2.32 15.44
CA SER A 102 -0.58 -1.53 15.47
C SER A 102 0.47 -2.15 16.38
N TYR A 103 0.06 -2.79 17.47
CA TYR A 103 1.03 -3.32 18.43
C TYR A 103 1.90 -4.40 17.80
N THR A 104 1.29 -5.33 17.05
CA THR A 104 2.01 -6.46 16.48
C THR A 104 2.12 -6.39 14.96
N THR A 105 1.65 -5.30 14.34
CA THR A 105 1.68 -5.13 12.89
C THR A 105 0.98 -6.28 12.18
N ASN A 106 -0.10 -6.77 12.76
CA ASN A 106 -0.87 -7.86 12.18
C ASN A 106 -2.02 -7.32 11.34
N LYS A 107 -2.58 -8.20 10.52
CA LYS A 107 -3.73 -7.88 9.69
C LYS A 107 -4.95 -8.61 10.22
N VAL A 108 -6.06 -7.88 10.37
CA VAL A 108 -7.30 -8.44 10.91
C VAL A 108 -8.34 -8.66 9.82
N HIS A 109 -8.49 -7.70 8.91
CA HIS A 109 -9.48 -7.79 7.84
C HIS A 109 -8.92 -7.19 6.57
N ALA A 110 -9.50 -7.61 5.44
CA ALA A 110 -9.15 -7.05 4.13
C ALA A 110 -10.41 -7.05 3.30
N ILE A 111 -10.98 -5.88 3.07
CA ILE A 111 -12.29 -5.71 2.43
C ILE A 111 -12.08 -5.22 1.01
N PRO A 112 -12.63 -5.90 0.01
CA PRO A 112 -12.55 -5.39 -1.37
C PRO A 112 -13.71 -4.45 -1.69
N LEU A 113 -13.39 -3.37 -2.41
CA LEU A 113 -14.37 -2.36 -2.77
C LEU A 113 -14.88 -2.57 -4.18
N ARG A 114 -16.14 -2.19 -4.40
CA ARG A 114 -16.72 -2.29 -5.74
C ARG A 114 -16.02 -1.35 -6.71
N SER A 115 -15.70 -0.14 -6.27
CA SER A 115 -14.96 0.83 -7.06
C SER A 115 -13.62 1.10 -6.38
N SER A 116 -12.55 1.15 -7.16
CA SER A 116 -11.21 1.30 -6.63
C SER A 116 -10.78 2.74 -6.49
N TRP A 117 -11.66 3.71 -6.77
CA TRP A 117 -11.34 5.12 -6.63
C TRP A 117 -11.90 5.60 -5.29
N VAL A 118 -11.14 5.36 -4.24
CA VAL A 118 -11.52 5.69 -2.87
C VAL A 118 -10.58 6.76 -2.34
N MET A 119 -11.13 7.77 -1.67
CA MET A 119 -10.34 8.89 -1.17
C MET A 119 -10.71 9.27 0.27
N THR A 120 -11.42 8.41 0.98
CA THR A 120 -11.77 8.70 2.37
C THR A 120 -12.12 7.40 3.09
N CYS A 121 -12.02 7.45 4.41
CA CYS A 121 -12.39 6.32 5.26
C CYS A 121 -12.62 6.84 6.68
N ALA A 122 -13.35 6.06 7.46
CA ALA A 122 -13.68 6.45 8.83
C ALA A 122 -13.89 5.20 9.67
N TYR A 123 -13.78 5.38 10.99
CA TYR A 123 -13.94 4.31 11.96
C TYR A 123 -15.01 4.71 12.97
N ALA A 124 -15.98 3.84 13.19
CA ALA A 124 -17.07 4.14 14.09
C ALA A 124 -16.56 4.24 15.52
N PRO A 125 -17.11 5.16 16.33
CA PRO A 125 -16.67 5.24 17.73
C PRO A 125 -16.93 3.97 18.52
N SER A 126 -18.02 3.26 18.22
CA SER A 126 -18.30 2.01 18.91
C SER A 126 -17.44 0.85 18.42
N GLY A 127 -16.86 0.95 17.22
CA GLY A 127 -16.01 -0.08 16.70
C GLY A 127 -16.69 -1.14 15.87
N ASN A 128 -17.97 -0.97 15.53
CA ASN A 128 -18.70 -1.97 14.77
C ASN A 128 -18.75 -1.70 13.28
N TYR A 129 -18.59 -0.44 12.86
CA TYR A 129 -18.82 -0.06 11.47
C TYR A 129 -17.62 0.68 10.91
N VAL A 130 -17.47 0.62 9.59
CA VAL A 130 -16.44 1.33 8.85
C VAL A 130 -17.05 1.86 7.57
N ALA A 131 -16.73 3.10 7.21
CA ALA A 131 -17.30 3.75 6.04
C ALA A 131 -16.20 4.24 5.12
N CYS A 132 -16.51 4.28 3.82
CA CYS A 132 -15.57 4.77 2.81
C CYS A 132 -16.34 5.30 1.62
N GLY A 133 -15.71 6.19 0.87
CA GLY A 133 -16.32 6.78 -0.30
C GLY A 133 -15.26 7.30 -1.25
N GLY A 134 -15.70 7.74 -2.42
CA GLY A 134 -14.77 8.20 -3.43
C GLY A 134 -15.39 8.88 -4.63
N LEU A 135 -14.91 8.53 -5.83
CA LEU A 135 -15.31 9.20 -7.05
C LEU A 135 -16.66 8.72 -7.58
N ASP A 136 -17.27 7.72 -6.97
CA ASP A 136 -18.56 7.21 -7.40
C ASP A 136 -19.74 7.92 -6.74
N ASN A 137 -19.48 8.94 -5.93
CA ASN A 137 -20.49 9.76 -5.27
C ASN A 137 -21.37 8.95 -4.32
N ILE A 138 -20.87 7.82 -3.83
CA ILE A 138 -21.64 6.93 -2.97
C ILE A 138 -20.80 6.61 -1.73
N CYS A 139 -21.42 6.72 -0.56
CA CYS A 139 -20.79 6.34 0.70
C CYS A 139 -21.26 4.95 1.10
N SER A 140 -20.32 4.05 1.34
CA SER A 140 -20.60 2.67 1.67
C SER A 140 -20.30 2.41 3.13
N ILE A 141 -21.16 1.63 3.79
CA ILE A 141 -21.04 1.33 5.21
C ILE A 141 -20.92 -0.18 5.37
N TYR A 142 -19.91 -0.62 6.12
CA TYR A 142 -19.61 -2.04 6.29
C TYR A 142 -19.86 -2.47 7.72
N ASN A 143 -20.25 -3.73 7.89
CA ASN A 143 -20.52 -4.34 9.19
C ASN A 143 -19.41 -5.32 9.52
N LEU A 144 -18.71 -5.07 10.63
CA LEU A 144 -17.55 -5.87 10.99
C LEU A 144 -17.87 -7.01 11.96
N LYS A 145 -19.10 -7.10 12.47
CA LYS A 145 -19.45 -8.05 13.50
C LYS A 145 -20.66 -8.87 13.09
N THR A 146 -20.63 -9.41 11.87
CA THR A 146 -21.69 -10.28 11.41
C THR A 146 -21.63 -11.62 12.13
N ARG A 147 -22.74 -12.37 12.05
CA ARG A 147 -22.78 -13.70 12.66
C ARG A 147 -21.78 -14.64 11.99
N GLU A 148 -21.68 -14.58 10.67
CA GLU A 148 -20.66 -15.33 9.96
C GLU A 148 -19.31 -14.61 10.08
N GLY A 149 -18.25 -15.36 9.78
CA GLY A 149 -16.91 -14.82 9.91
C GLY A 149 -16.48 -13.98 8.72
N ASN A 150 -17.29 -13.01 8.33
CA ASN A 150 -16.97 -12.15 7.20
C ASN A 150 -17.69 -10.82 7.36
N VAL A 151 -17.23 -9.82 6.62
CA VAL A 151 -17.85 -8.50 6.60
C VAL A 151 -18.65 -8.35 5.33
N ARG A 152 -19.68 -7.51 5.38
CA ARG A 152 -20.55 -7.29 4.23
C ARG A 152 -21.11 -5.88 4.28
N VAL A 153 -21.43 -5.34 3.10
CA VAL A 153 -22.02 -4.02 3.01
C VAL A 153 -23.41 -4.03 3.63
N SER A 154 -23.66 -3.07 4.52
CA SER A 154 -24.95 -3.01 5.21
C SER A 154 -25.88 -1.94 4.65
N ARG A 155 -25.33 -0.88 4.05
CA ARG A 155 -26.17 0.20 3.52
C ARG A 155 -25.33 1.05 2.59
N GLU A 156 -25.89 1.38 1.43
CA GLU A 156 -25.27 2.28 0.47
C GLU A 156 -26.07 3.57 0.40
N LEU A 157 -25.39 4.70 0.61
CA LEU A 157 -26.04 6.00 0.65
C LEU A 157 -25.75 6.75 -0.65
N ALA A 158 -26.81 7.23 -1.31
CA ALA A 158 -26.69 7.94 -2.58
C ALA A 158 -27.52 9.21 -2.52
N GLY A 159 -27.12 10.18 -3.34
CA GLY A 159 -27.80 11.46 -3.40
C GLY A 159 -26.88 12.63 -3.65
N HIS A 160 -25.57 12.41 -3.52
CA HIS A 160 -24.60 13.44 -3.84
C HIS A 160 -24.34 13.46 -5.34
N THR A 161 -24.08 14.66 -5.86
CA THR A 161 -23.78 14.86 -7.28
C THR A 161 -22.32 15.19 -7.50
N GLY A 162 -21.43 14.65 -6.67
CA GLY A 162 -20.01 14.89 -6.81
C GLY A 162 -19.24 13.93 -5.95
N TYR A 163 -17.92 13.91 -6.17
CA TYR A 163 -17.05 13.01 -5.44
C TYR A 163 -17.05 13.36 -3.95
N LEU A 164 -16.98 12.32 -3.11
CA LEU A 164 -16.92 12.53 -1.67
C LEU A 164 -15.51 12.94 -1.25
N SER A 165 -15.44 13.71 -0.16
CA SER A 165 -14.18 14.21 0.34
C SER A 165 -13.88 13.79 1.78
N CYS A 166 -14.89 13.79 2.65
CA CYS A 166 -14.68 13.46 4.05
C CYS A 166 -15.87 12.66 4.57
N CYS A 167 -15.66 12.02 5.72
CA CYS A 167 -16.68 11.15 6.31
C CYS A 167 -16.42 11.05 7.80
N ARG A 168 -17.46 11.28 8.60
CA ARG A 168 -17.34 11.25 10.05
C ARG A 168 -18.59 10.62 10.66
N PHE A 169 -18.40 9.80 11.68
CA PHE A 169 -19.47 9.09 12.37
C PHE A 169 -19.88 9.89 13.60
N LEU A 170 -21.12 10.40 13.62
CA LEU A 170 -21.65 10.98 14.85
C LEU A 170 -21.88 9.92 15.91
N ASP A 171 -22.54 8.82 15.53
CA ASP A 171 -22.78 7.68 16.40
C ASP A 171 -23.06 6.48 15.51
N ASP A 172 -23.59 5.42 16.10
CA ASP A 172 -23.82 4.18 15.36
C ASP A 172 -24.94 4.29 14.34
N ASN A 173 -25.73 5.37 14.36
CA ASN A 173 -26.87 5.50 13.45
C ASN A 173 -26.88 6.82 12.70
N GLN A 174 -25.84 7.65 12.83
CA GLN A 174 -25.79 8.92 12.13
C GLN A 174 -24.41 9.12 11.51
N ILE A 175 -24.37 9.90 10.44
CA ILE A 175 -23.12 10.12 9.71
C ILE A 175 -23.27 11.42 8.92
N VAL A 176 -22.17 12.14 8.76
CA VAL A 176 -22.15 13.40 8.03
C VAL A 176 -21.05 13.33 6.98
N THR A 177 -21.39 13.71 5.75
CA THR A 177 -20.47 13.63 4.63
C THR A 177 -20.40 14.98 3.92
N SER A 178 -19.28 15.21 3.22
CA SER A 178 -19.08 16.39 2.41
C SER A 178 -18.56 15.96 1.04
N SER A 179 -19.10 16.59 -0.01
CA SER A 179 -18.76 16.21 -1.38
C SER A 179 -18.31 17.44 -2.15
N GLY A 180 -17.99 17.21 -3.42
CA GLY A 180 -17.51 18.27 -4.29
C GLY A 180 -18.58 19.10 -4.96
N ASP A 181 -19.86 18.87 -4.64
CA ASP A 181 -20.96 19.67 -5.15
C ASP A 181 -21.32 20.82 -4.20
N THR A 182 -20.37 21.28 -3.40
CA THR A 182 -20.53 22.44 -2.52
C THR A 182 -21.63 22.25 -1.49
N THR A 183 -21.87 21.02 -1.05
CA THR A 183 -22.90 20.75 -0.04
C THR A 183 -22.40 19.71 0.95
N CYS A 184 -22.97 19.75 2.14
CA CYS A 184 -22.77 18.74 3.16
C CYS A 184 -24.14 18.29 3.66
N ALA A 185 -24.23 17.01 4.03
CA ALA A 185 -25.51 16.43 4.42
C ALA A 185 -25.35 15.56 5.64
N LEU A 186 -26.44 15.41 6.40
CA LEU A 186 -26.50 14.53 7.55
C LEU A 186 -27.49 13.40 7.23
N TRP A 187 -27.01 12.17 7.33
CA TRP A 187 -27.78 11.00 6.90
C TRP A 187 -28.41 10.28 8.09
N ASP A 188 -29.28 9.33 7.76
CA ASP A 188 -29.85 8.40 8.73
C ASP A 188 -29.67 7.00 8.15
N ILE A 189 -28.77 6.22 8.76
CA ILE A 189 -28.33 4.97 8.15
C ILE A 189 -29.48 3.97 8.05
N GLU A 190 -30.37 3.96 9.03
CA GLU A 190 -31.46 2.98 9.04
C GLU A 190 -32.36 3.14 7.83
N THR A 191 -32.75 4.38 7.51
CA THR A 191 -33.63 4.63 6.38
C THR A 191 -32.88 5.04 5.12
N GLY A 192 -31.66 5.56 5.24
CA GLY A 192 -30.89 5.94 4.07
C GLY A 192 -31.27 7.26 3.46
N GLN A 193 -32.02 8.10 4.17
CA GLN A 193 -32.50 9.37 3.65
C GLN A 193 -31.76 10.52 4.32
N GLN A 194 -31.52 11.58 3.55
CA GLN A 194 -30.85 12.76 4.07
C GLN A 194 -31.76 13.49 5.04
N THR A 195 -31.32 13.60 6.30
CA THR A 195 -32.12 14.31 7.30
C THR A 195 -32.03 15.82 7.10
N THR A 196 -30.83 16.33 6.83
CA THR A 196 -30.63 17.77 6.67
C THR A 196 -29.53 17.99 5.63
N THR A 197 -29.57 19.16 4.99
CA THR A 197 -28.56 19.55 4.03
C THR A 197 -28.00 20.92 4.41
N PHE A 198 -26.73 21.14 4.08
CA PHE A 198 -26.03 22.37 4.39
C PHE A 198 -25.57 23.03 3.10
N THR A 199 -25.88 24.32 2.95
CA THR A 199 -25.55 25.07 1.75
C THR A 199 -24.95 26.41 2.12
N GLY A 200 -24.16 26.96 1.20
CA GLY A 200 -23.53 28.24 1.41
C GLY A 200 -22.13 28.34 0.83
N HIS A 201 -21.50 27.19 0.59
CA HIS A 201 -20.18 27.16 -0.02
C HIS A 201 -20.29 27.34 -1.52
N THR A 202 -19.37 28.12 -2.09
CA THR A 202 -19.32 28.35 -3.53
C THR A 202 -18.23 27.54 -4.22
N GLY A 203 -17.63 26.58 -3.52
CA GLY A 203 -16.60 25.74 -4.08
C GLY A 203 -16.63 24.37 -3.44
N ASP A 204 -15.77 23.49 -3.95
CA ASP A 204 -15.74 22.11 -3.45
C ASP A 204 -15.33 22.08 -1.98
N VAL A 205 -15.99 21.24 -1.21
CA VAL A 205 -15.68 21.06 0.20
C VAL A 205 -14.71 19.89 0.34
N MET A 206 -13.64 20.09 1.12
CA MET A 206 -12.55 19.14 1.16
C MET A 206 -12.26 18.56 2.54
N SER A 207 -12.90 19.03 3.60
CA SER A 207 -12.53 18.56 4.93
C SER A 207 -13.71 18.72 5.88
N LEU A 208 -13.64 17.96 6.98
CA LEU A 208 -14.62 18.00 8.05
C LEU A 208 -13.90 17.90 9.39
N SER A 209 -14.58 18.34 10.45
CA SER A 209 -14.03 18.22 11.80
C SER A 209 -15.18 18.32 12.80
N LEU A 210 -15.41 17.24 13.54
CA LEU A 210 -16.48 17.20 14.52
C LEU A 210 -16.01 17.72 15.88
N ALA A 211 -16.84 18.53 16.51
CA ALA A 211 -16.50 19.04 17.83
C ALA A 211 -16.53 17.92 18.86
N PRO A 212 -15.77 18.05 19.95
CA PRO A 212 -15.82 17.03 21.00
C PRO A 212 -17.21 16.83 21.60
N ASP A 213 -17.98 17.91 21.71
CA ASP A 213 -19.34 17.80 22.23
C ASP A 213 -20.29 17.13 21.23
N THR A 214 -19.87 17.00 19.98
CA THR A 214 -20.70 16.47 18.89
C THR A 214 -22.00 17.28 18.79
N ARG A 215 -21.81 18.59 18.67
CA ARG A 215 -22.91 19.53 18.47
C ARG A 215 -22.69 20.50 17.33
N LEU A 216 -21.44 20.78 16.96
CA LEU A 216 -21.11 21.65 15.84
C LEU A 216 -19.99 21.00 15.05
N PHE A 217 -19.75 21.51 13.84
CA PHE A 217 -18.65 21.04 13.03
C PHE A 217 -18.25 22.13 12.05
N VAL A 218 -17.03 22.02 11.53
CA VAL A 218 -16.48 23.00 10.61
C VAL A 218 -16.09 22.30 9.31
N SER A 219 -16.07 23.08 8.24
CA SER A 219 -15.73 22.56 6.92
C SER A 219 -14.91 23.60 6.17
N GLY A 220 -13.89 23.13 5.44
CA GLY A 220 -13.06 23.98 4.62
C GLY A 220 -13.29 23.67 3.14
N ALA A 221 -13.49 24.73 2.36
CA ALA A 221 -13.83 24.61 0.96
C ALA A 221 -12.76 25.26 0.10
N CYS A 222 -12.93 25.13 -1.23
CA CYS A 222 -11.96 25.65 -2.18
C CYS A 222 -12.08 27.15 -2.41
N ASP A 223 -13.12 27.79 -1.87
CA ASP A 223 -13.28 29.24 -2.00
C ASP A 223 -12.51 30.01 -0.93
N ALA A 224 -11.54 29.36 -0.28
CA ALA A 224 -10.68 29.99 0.72
C ALA A 224 -11.50 30.58 1.86
N SER A 225 -12.30 29.71 2.50
CA SER A 225 -13.11 30.12 3.63
C SER A 225 -13.47 28.88 4.45
N ALA A 226 -13.90 29.13 5.68
CA ALA A 226 -14.37 28.08 6.58
C ALA A 226 -15.66 28.55 7.25
N LYS A 227 -16.49 27.59 7.62
CA LYS A 227 -17.80 27.89 8.21
C LYS A 227 -18.04 26.99 9.40
N LEU A 228 -18.85 27.48 10.34
CA LEU A 228 -19.26 26.73 11.52
C LEU A 228 -20.75 26.43 11.40
N TRP A 229 -21.08 25.14 11.43
CA TRP A 229 -22.45 24.69 11.24
C TRP A 229 -23.05 24.21 12.55
N ASP A 230 -24.37 24.17 12.59
CA ASP A 230 -25.12 23.64 13.73
C ASP A 230 -25.86 22.39 13.27
N VAL A 231 -25.50 21.24 13.85
CA VAL A 231 -26.06 19.97 13.39
C VAL A 231 -27.55 19.87 13.66
N ARG A 232 -28.04 20.43 14.76
CA ARG A 232 -29.45 20.28 15.14
C ARG A 232 -30.36 21.27 14.42
N GLU A 233 -29.90 22.49 14.19
CA GLU A 233 -30.70 23.49 13.48
C GLU A 233 -30.40 23.56 11.99
N GLY A 234 -29.24 23.07 11.56
CA GLY A 234 -28.93 23.06 10.13
C GLY A 234 -28.75 24.42 9.52
N MET A 235 -28.09 25.33 10.22
CA MET A 235 -27.85 26.68 9.70
C MET A 235 -26.41 27.09 10.00
N CYS A 236 -25.89 27.99 9.18
CA CYS A 236 -24.55 28.52 9.38
C CYS A 236 -24.55 29.59 10.44
N ARG A 237 -23.52 29.60 11.28
CA ARG A 237 -23.39 30.55 12.37
C ARG A 237 -22.26 31.55 12.20
N GLN A 238 -21.10 31.10 11.73
CA GLN A 238 -19.95 31.98 11.57
C GLN A 238 -19.16 31.54 10.35
N THR A 239 -18.42 32.49 9.77
CA THR A 239 -17.52 32.21 8.66
C THR A 239 -16.21 32.94 8.90
N PHE A 240 -15.10 32.28 8.56
CA PHE A 240 -13.76 32.82 8.80
C PHE A 240 -13.00 32.87 7.48
N THR A 241 -12.35 34.00 7.22
CA THR A 241 -11.53 34.21 6.05
C THR A 241 -10.12 34.58 6.47
N GLY A 242 -9.21 34.60 5.49
CA GLY A 242 -7.84 34.96 5.76
C GLY A 242 -6.83 34.17 4.94
N HIS A 243 -7.24 33.01 4.43
CA HIS A 243 -6.38 32.24 3.55
C HIS A 243 -6.37 32.87 2.16
N GLU A 244 -5.41 32.44 1.35
CA GLU A 244 -5.18 33.06 0.06
C GLU A 244 -5.55 32.19 -1.14
N SER A 245 -5.28 30.88 -1.08
CA SER A 245 -5.49 30.03 -2.24
C SER A 245 -6.59 29.00 -2.04
N ASP A 246 -6.47 28.13 -1.04
CA ASP A 246 -7.36 26.99 -0.89
C ASP A 246 -7.12 26.28 0.43
N ILE A 247 -8.16 25.68 1.01
CA ILE A 247 -8.06 24.98 2.28
C ILE A 247 -8.12 23.48 2.01
N ASN A 248 -7.16 22.73 2.56
CA ASN A 248 -7.06 21.30 2.35
C ASN A 248 -7.35 20.47 3.59
N ALA A 249 -7.12 21.00 4.80
CA ALA A 249 -7.29 20.24 6.02
C ALA A 249 -7.82 21.15 7.12
N ILE A 250 -8.43 20.53 8.13
CA ILE A 250 -8.99 21.25 9.26
C ILE A 250 -9.00 20.31 10.45
N CYS A 251 -8.88 20.87 11.66
CA CYS A 251 -8.88 20.08 12.87
C CYS A 251 -9.32 20.94 14.04
N PHE A 252 -9.93 20.31 15.04
CA PHE A 252 -10.43 21.00 16.23
C PHE A 252 -9.41 20.97 17.36
N PHE A 253 -9.33 22.07 18.10
CA PHE A 253 -8.54 22.12 19.32
C PHE A 253 -9.19 21.22 20.38
N PRO A 254 -8.37 20.58 21.22
CA PRO A 254 -8.95 19.71 22.27
C PRO A 254 -9.89 20.44 23.21
N ASN A 255 -9.66 21.74 23.45
CA ASN A 255 -10.57 22.50 24.30
C ASN A 255 -11.96 22.60 23.68
N GLY A 256 -12.02 22.78 22.36
CA GLY A 256 -13.28 22.93 21.66
C GLY A 256 -13.67 24.35 21.32
N ASN A 257 -12.79 25.32 21.51
CA ASN A 257 -13.08 26.72 21.23
C ASN A 257 -12.15 27.31 20.17
N ALA A 258 -11.43 26.46 19.45
CA ALA A 258 -10.52 26.93 18.41
C ALA A 258 -10.30 25.81 17.41
N PHE A 259 -9.78 26.18 16.24
CA PHE A 259 -9.46 25.19 15.22
C PHE A 259 -8.31 25.72 14.36
N ALA A 260 -7.62 24.80 13.69
CA ALA A 260 -6.48 25.12 12.85
C ALA A 260 -6.69 24.54 11.46
N THR A 261 -6.28 25.29 10.45
CA THR A 261 -6.48 24.91 9.05
C THR A 261 -5.14 24.80 8.34
N GLY A 262 -5.17 24.22 7.15
CA GLY A 262 -3.94 24.08 6.36
C GLY A 262 -4.24 24.27 4.90
N SER A 263 -3.45 25.02 4.16
CA SER A 263 -3.81 25.37 2.79
C SER A 263 -2.76 25.01 1.77
N ASP A 264 -2.94 25.53 0.56
CA ASP A 264 -1.92 25.35 -0.51
C ASP A 264 -0.93 26.49 -0.60
N ASP A 265 -1.26 27.63 0.02
CA ASP A 265 -0.28 28.74 0.12
C ASP A 265 0.88 28.44 1.06
N ALA A 266 1.00 27.19 1.51
CA ALA A 266 2.07 26.76 2.43
C ALA A 266 1.97 27.52 3.75
N THR A 267 0.76 27.69 4.26
CA THR A 267 0.59 28.37 5.56
C THR A 267 -0.48 27.68 6.37
N CYS A 268 -0.33 27.63 7.69
CA CYS A 268 -1.35 27.11 8.61
C CYS A 268 -1.73 28.23 9.56
N ARG A 269 -3.03 28.34 9.85
CA ARG A 269 -3.54 29.43 10.67
C ARG A 269 -4.47 28.89 11.74
N LEU A 270 -4.50 29.57 12.88
CA LEU A 270 -5.32 29.19 14.01
C LEU A 270 -6.42 30.22 14.21
N PHE A 271 -7.67 29.76 14.27
CA PHE A 271 -8.83 30.61 14.42
C PHE A 271 -9.49 30.37 15.77
N ASP A 272 -10.12 31.41 16.30
CA ASP A 272 -10.80 31.34 17.59
C ASP A 272 -12.28 31.64 17.39
N LEU A 273 -13.14 30.77 17.94
CA LEU A 273 -14.58 30.91 17.74
C LEU A 273 -15.14 32.10 18.53
N ARG A 274 -14.76 32.23 19.80
CA ARG A 274 -15.41 33.21 20.67
C ARG A 274 -15.10 34.64 20.23
N ALA A 275 -13.85 34.93 19.90
CA ALA A 275 -13.50 36.25 19.39
C ALA A 275 -13.75 36.39 17.90
N ASP A 276 -13.82 35.27 17.17
CA ASP A 276 -14.09 35.22 15.74
C ASP A 276 -13.05 36.07 15.01
N GLN A 277 -11.83 35.56 15.05
CA GLN A 277 -10.68 36.18 14.38
C GLN A 277 -9.67 35.09 14.04
N GLU A 278 -8.47 35.52 13.67
CA GLU A 278 -7.33 34.65 13.46
C GLU A 278 -6.25 35.01 14.47
N LEU A 279 -5.69 34.00 15.14
CA LEU A 279 -4.74 34.25 16.21
C LEU A 279 -3.30 34.34 15.70
N MET A 280 -2.80 33.27 15.08
CA MET A 280 -1.43 33.27 14.59
C MET A 280 -1.32 32.42 13.34
N THR A 281 -0.22 32.61 12.62
CA THR A 281 0.08 31.87 11.40
C THR A 281 1.38 31.11 11.56
N TYR A 282 1.50 30.00 10.84
CA TYR A 282 2.65 29.10 10.92
C TYR A 282 3.27 29.00 9.53
N SER A 283 4.21 29.91 9.23
CA SER A 283 4.83 29.98 7.91
C SER A 283 6.34 30.02 8.07
N HIS A 284 7.02 29.61 7.00
CA HIS A 284 8.48 29.64 6.95
C HIS A 284 8.94 30.24 5.63
N ASP A 285 10.25 30.18 5.35
CA ASP A 285 10.80 30.69 4.11
C ASP A 285 11.30 29.61 3.17
N ASN A 286 11.66 28.44 3.69
CA ASN A 286 12.11 27.32 2.86
C ASN A 286 10.96 26.41 2.45
N ILE A 287 9.72 26.77 2.79
CA ILE A 287 8.56 25.95 2.49
C ILE A 287 7.75 26.65 1.41
N ILE A 288 7.49 25.94 0.31
CA ILE A 288 6.73 26.49 -0.81
C ILE A 288 5.63 25.56 -1.28
N CYS A 289 5.48 24.38 -0.69
CA CYS A 289 4.46 23.42 -1.09
C CYS A 289 3.28 23.46 -0.12
N GLY A 290 2.14 23.00 -0.60
CA GLY A 290 0.93 23.06 0.20
C GLY A 290 0.86 22.00 1.28
N ILE A 291 0.01 22.25 2.27
CA ILE A 291 -0.21 21.36 3.39
C ILE A 291 -1.29 20.36 3.01
N THR A 292 -1.08 19.09 3.34
CA THR A 292 -2.03 18.03 3.05
C THR A 292 -2.92 17.66 4.23
N SER A 293 -2.38 17.65 5.45
CA SER A 293 -3.14 17.25 6.62
C SER A 293 -2.65 18.02 7.83
N VAL A 294 -3.53 18.10 8.84
CA VAL A 294 -3.26 18.84 10.07
C VAL A 294 -3.82 18.06 11.24
N SER A 295 -3.06 17.97 12.32
CA SER A 295 -3.52 17.32 13.54
C SER A 295 -2.86 17.97 14.74
N PHE A 296 -3.52 17.87 15.89
CA PHE A 296 -3.06 18.47 17.13
C PHE A 296 -2.45 17.42 18.05
N SER A 297 -2.11 17.83 19.26
CA SER A 297 -1.64 16.95 20.30
C SER A 297 -2.69 16.84 21.40
N LYS A 298 -2.45 15.93 22.35
CA LYS A 298 -3.44 15.68 23.40
C LYS A 298 -3.66 16.91 24.26
N SER A 299 -2.61 17.63 24.60
CA SER A 299 -2.73 18.85 25.42
C SER A 299 -2.94 20.08 24.54
N GLY A 300 -2.65 19.98 23.24
CA GLY A 300 -2.73 21.15 22.39
C GLY A 300 -1.49 22.00 22.34
N ARG A 301 -0.35 21.46 22.75
CA ARG A 301 0.89 22.22 22.72
C ARG A 301 1.63 22.14 21.40
N LEU A 302 1.50 21.01 20.69
CA LEU A 302 2.12 20.84 19.39
C LEU A 302 1.08 20.83 18.29
N LEU A 303 1.53 21.05 17.06
CA LEU A 303 0.67 20.99 15.88
C LEU A 303 1.46 20.34 14.76
N LEU A 304 1.04 19.13 14.38
CA LEU A 304 1.72 18.38 13.33
C LEU A 304 1.00 18.58 12.01
N ALA A 305 1.76 18.91 10.96
CA ALA A 305 1.19 19.18 9.64
C ALA A 305 2.03 18.47 8.59
N GLY A 306 1.39 17.61 7.81
CA GLY A 306 2.07 16.98 6.69
C GLY A 306 2.23 17.93 5.52
N TYR A 307 3.25 17.68 4.71
CA TYR A 307 3.61 18.56 3.61
C TYR A 307 3.77 17.75 2.34
N ASP A 308 3.84 18.48 1.21
CA ASP A 308 3.98 17.87 -0.10
C ASP A 308 5.42 17.50 -0.44
N ASP A 309 6.40 18.01 0.32
CA ASP A 309 7.80 17.73 0.06
C ASP A 309 8.31 16.53 0.85
N PHE A 310 7.44 15.56 1.13
CA PHE A 310 7.74 14.28 1.78
C PHE A 310 8.00 14.42 3.27
N ASN A 311 8.01 15.64 3.81
CA ASN A 311 8.36 15.89 5.20
C ASN A 311 7.12 16.18 6.03
N CYS A 312 7.28 16.06 7.34
CA CYS A 312 6.27 16.45 8.31
C CYS A 312 6.93 17.29 9.39
N ASN A 313 6.29 18.41 9.74
CA ASN A 313 6.85 19.36 10.68
C ASN A 313 6.04 19.38 11.97
N VAL A 314 6.68 19.83 13.04
CA VAL A 314 6.06 19.99 14.34
C VAL A 314 6.26 21.43 14.78
N TRP A 315 5.16 22.12 15.06
CA TRP A 315 5.18 23.53 15.43
C TRP A 315 4.73 23.70 16.88
N ASP A 316 5.36 24.63 17.57
CA ASP A 316 4.89 25.04 18.89
C ASP A 316 3.62 25.87 18.72
N ALA A 317 2.51 25.37 19.26
CA ALA A 317 1.22 26.00 19.00
C ALA A 317 1.13 27.41 19.55
N LEU A 318 1.89 27.71 20.61
CA LEU A 318 1.81 29.01 21.27
C LEU A 318 2.98 29.92 20.92
N LYS A 319 3.94 29.46 20.12
CA LYS A 319 5.10 30.27 19.80
C LYS A 319 5.50 30.25 18.33
N ALA A 320 4.98 29.32 17.52
CA ALA A 320 5.30 29.21 16.10
C ALA A 320 6.80 29.00 15.88
N ASP A 321 7.30 27.91 16.47
CA ASP A 321 8.70 27.51 16.31
C ASP A 321 8.74 26.03 15.96
N ARG A 322 9.50 25.68 14.93
CA ARG A 322 9.61 24.30 14.49
C ARG A 322 10.39 23.49 15.53
N ALA A 323 9.71 22.58 16.21
CA ALA A 323 10.34 21.79 17.25
C ALA A 323 11.06 20.56 16.71
N GLY A 324 10.66 20.06 15.55
CA GLY A 324 11.28 18.86 15.02
C GLY A 324 10.81 18.58 13.61
N VAL A 325 11.33 17.48 13.06
CA VAL A 325 11.04 17.06 11.70
C VAL A 325 10.87 15.55 11.67
N LEU A 326 9.87 15.09 10.92
CA LEU A 326 9.59 13.67 10.74
C LEU A 326 9.76 13.36 9.25
N ALA A 327 10.99 13.03 8.86
CA ALA A 327 11.34 12.78 7.47
C ALA A 327 11.71 11.30 7.31
N GLY A 328 10.76 10.52 6.81
CA GLY A 328 11.01 9.11 6.57
C GLY A 328 10.31 8.54 5.35
N HIS A 329 9.70 9.38 4.54
CA HIS A 329 8.87 8.94 3.43
C HIS A 329 9.51 9.28 2.10
N ASP A 330 9.21 8.46 1.08
CA ASP A 330 9.73 8.65 -0.26
C ASP A 330 8.85 9.58 -1.10
N ASN A 331 7.54 9.50 -0.96
CA ASN A 331 6.60 10.34 -1.69
C ASN A 331 5.83 11.22 -0.70
N ARG A 332 4.92 12.02 -1.23
CA ARG A 332 4.24 13.03 -0.42
C ARG A 332 3.35 12.38 0.63
N VAL A 333 3.20 13.09 1.75
CA VAL A 333 2.38 12.62 2.87
C VAL A 333 0.94 13.04 2.63
N SER A 334 0.02 12.07 2.70
CA SER A 334 -1.38 12.32 2.41
C SER A 334 -2.30 12.31 3.62
N CYS A 335 -1.95 11.58 4.67
CA CYS A 335 -2.81 11.46 5.84
C CYS A 335 -1.97 11.48 7.11
N LEU A 336 -2.63 11.82 8.22
CA LEU A 336 -1.95 12.01 9.48
C LEU A 336 -2.97 11.95 10.60
N GLY A 337 -2.63 11.25 11.68
CA GLY A 337 -3.56 11.09 12.80
C GLY A 337 -2.82 10.84 14.10
N VAL A 338 -3.50 11.17 15.19
CA VAL A 338 -2.95 11.04 16.54
C VAL A 338 -3.92 10.21 17.37
N THR A 339 -3.37 9.26 18.14
CA THR A 339 -4.18 8.36 18.94
C THR A 339 -4.94 9.11 20.02
N ASP A 340 -5.96 8.44 20.58
CA ASP A 340 -6.81 9.07 21.59
C ASP A 340 -6.03 9.40 22.85
N ASP A 341 -5.17 8.49 23.31
CA ASP A 341 -4.39 8.73 24.52
C ASP A 341 -3.13 9.55 24.27
N GLY A 342 -2.80 9.82 23.01
CA GLY A 342 -1.65 10.65 22.71
C GLY A 342 -0.31 9.97 22.87
N MET A 343 -0.23 8.66 22.63
CA MET A 343 1.01 7.93 22.78
C MET A 343 1.73 7.69 21.45
N ALA A 344 1.08 7.95 20.32
CA ALA A 344 1.70 7.68 19.03
C ALA A 344 1.05 8.55 17.96
N VAL A 345 1.73 8.67 16.83
CA VAL A 345 1.23 9.38 15.66
C VAL A 345 1.58 8.55 14.42
N ALA A 346 0.60 8.35 13.55
CA ALA A 346 0.78 7.55 12.35
C ALA A 346 0.72 8.43 11.11
N THR A 347 1.52 8.06 10.10
CA THR A 347 1.60 8.82 8.87
C THR A 347 1.45 7.88 7.67
N GLY A 348 0.71 8.34 6.66
CA GLY A 348 0.60 7.62 5.41
C GLY A 348 1.12 8.46 4.27
N SER A 349 1.50 7.83 3.16
CA SER A 349 2.09 8.56 2.04
C SER A 349 1.79 7.81 0.76
N TRP A 350 2.24 8.40 -0.35
CA TRP A 350 2.03 7.83 -1.68
C TRP A 350 3.04 6.76 -2.04
N ASP A 351 4.01 6.48 -1.17
CA ASP A 351 4.93 5.37 -1.36
C ASP A 351 4.40 4.07 -0.80
N SER A 352 3.15 4.07 -0.31
CA SER A 352 2.43 2.86 0.11
C SER A 352 3.02 2.26 1.39
N PHE A 353 3.46 3.11 2.30
CA PHE A 353 4.00 2.68 3.59
C PHE A 353 3.41 3.51 4.72
N LEU A 354 2.99 2.83 5.77
CA LEU A 354 2.50 3.48 6.98
C LEU A 354 3.55 3.34 8.07
N LYS A 355 3.90 4.47 8.70
CA LYS A 355 4.92 4.49 9.74
C LYS A 355 4.32 5.08 11.01
N ILE A 356 4.64 4.45 12.14
CA ILE A 356 4.15 4.87 13.45
C ILE A 356 5.32 5.46 14.21
N TRP A 357 5.17 6.71 14.66
CA TRP A 357 6.21 7.42 15.36
C TRP A 357 5.82 7.58 16.83
N ASN A 358 6.83 7.76 17.67
CA ASN A 358 6.61 7.91 19.10
C ASN A 358 7.65 8.85 19.69
N GLY A 359 7.29 9.47 20.81
CA GLY A 359 8.19 10.41 21.47
C GLY A 359 8.71 9.91 22.80
N ILE B 9 -33.10 36.31 -8.40
CA ILE B 9 -32.87 37.52 -7.62
C ILE B 9 -32.96 37.22 -6.12
N ALA B 10 -33.50 36.04 -5.79
CA ALA B 10 -33.62 35.65 -4.40
C ALA B 10 -32.26 35.34 -3.77
N GLN B 11 -31.23 35.12 -4.59
CA GLN B 11 -29.90 34.88 -4.04
C GLN B 11 -29.39 36.08 -3.25
N ALA B 12 -29.60 37.28 -3.79
CA ALA B 12 -29.16 38.49 -3.08
C ALA B 12 -29.90 38.64 -1.75
N ARG B 13 -31.21 38.40 -1.75
CA ARG B 13 -31.98 38.50 -0.51
C ARG B 13 -31.52 37.47 0.51
N LYS B 14 -31.26 36.24 0.06
CA LYS B 14 -30.77 35.21 0.98
C LYS B 14 -29.41 35.58 1.55
N LEU B 15 -28.51 36.10 0.69
CA LEU B 15 -27.18 36.47 1.14
C LEU B 15 -27.25 37.61 2.15
N VAL B 16 -28.07 38.62 1.88
CA VAL B 16 -28.17 39.74 2.81
C VAL B 16 -28.82 39.31 4.12
N GLU B 17 -29.79 38.39 4.06
CA GLU B 17 -30.39 37.88 5.29
C GLU B 17 -29.37 37.10 6.12
N GLN B 18 -28.55 36.28 5.46
CA GLN B 18 -27.51 35.54 6.17
C GLN B 18 -26.49 36.49 6.78
N LEU B 19 -26.12 37.55 6.05
CA LEU B 19 -25.19 38.53 6.58
C LEU B 19 -25.78 39.25 7.80
N LYS B 20 -27.07 39.58 7.74
CA LYS B 20 -27.72 40.22 8.88
C LYS B 20 -27.76 39.29 10.08
N MET B 21 -28.00 38.00 9.85
CA MET B 21 -28.09 37.06 10.96
C MET B 21 -26.73 36.85 11.64
N GLU B 22 -25.64 36.94 10.89
CA GLU B 22 -24.31 36.67 11.43
C GLU B 22 -23.71 37.87 12.16
N ALA B 23 -24.28 39.06 12.04
CA ALA B 23 -23.71 40.26 12.63
C ALA B 23 -24.25 40.56 14.01
N ASN B 24 -25.12 39.70 14.56
CA ASN B 24 -25.74 39.94 15.85
C ASN B 24 -25.12 39.12 16.97
N ILE B 25 -23.98 38.46 16.73
CA ILE B 25 -23.35 37.66 17.77
C ILE B 25 -22.55 38.54 18.72
N ASP B 26 -22.16 37.97 19.85
CA ASP B 26 -21.38 38.66 20.87
C ASP B 26 -19.93 38.19 20.80
N ARG B 27 -19.00 39.14 20.96
CA ARG B 27 -17.58 38.87 20.83
C ARG B 27 -16.84 39.35 22.07
N ILE B 28 -15.72 38.70 22.36
CA ILE B 28 -14.90 39.01 23.52
C ILE B 28 -13.51 39.41 23.04
N LYS B 29 -12.69 39.86 23.98
CA LYS B 29 -11.34 40.32 23.66
C LYS B 29 -10.41 39.14 23.36
N VAL B 30 -9.38 39.41 22.58
CA VAL B 30 -8.44 38.36 22.18
C VAL B 30 -7.61 37.89 23.37
N SER B 31 -7.25 38.81 24.27
CA SER B 31 -6.39 38.45 25.39
C SER B 31 -7.06 37.43 26.31
N LYS B 32 -8.35 37.61 26.56
CA LYS B 32 -9.04 36.59 27.38
C LYS B 32 -8.81 35.23 26.73
N ALA B 33 -9.24 35.06 25.49
CA ALA B 33 -9.13 33.75 24.84
C ALA B 33 -7.69 33.22 24.88
N ALA B 34 -6.71 34.09 24.65
CA ALA B 34 -5.32 33.66 24.69
C ALA B 34 -4.96 33.15 26.08
N ALA B 35 -5.42 33.84 27.11
CA ALA B 35 -5.22 33.37 28.48
C ALA B 35 -5.90 32.03 28.70
N ASP B 36 -7.04 31.81 28.05
CA ASP B 36 -7.80 30.56 28.27
C ASP B 36 -7.08 29.39 27.60
N LEU B 37 -6.47 29.62 26.45
CA LEU B 37 -5.67 28.58 25.80
C LEU B 37 -4.38 28.31 26.57
N MET B 38 -3.72 29.37 27.04
CA MET B 38 -2.48 29.17 27.80
C MET B 38 -2.75 28.40 29.09
N ALA B 39 -3.84 28.74 29.79
CA ALA B 39 -4.19 28.06 31.03
C ALA B 39 -4.52 26.60 30.78
N TYR B 40 -5.28 26.31 29.72
CA TYR B 40 -5.61 24.92 29.42
C TYR B 40 -4.35 24.12 29.09
N CYS B 41 -3.46 24.70 28.27
CA CYS B 41 -2.24 24.01 27.90
C CYS B 41 -1.36 23.75 29.11
N GLU B 42 -1.27 24.72 30.03
CA GLU B 42 -0.49 24.51 31.24
C GLU B 42 -1.13 23.44 32.13
N ALA B 43 -2.45 23.45 32.25
CA ALA B 43 -3.13 22.51 33.14
C ALA B 43 -3.00 21.08 32.66
N HIS B 44 -3.13 20.85 31.35
CA HIS B 44 -3.09 19.50 30.80
C HIS B 44 -1.69 19.11 30.30
N ALA B 45 -0.65 19.77 30.80
CA ALA B 45 0.69 19.54 30.28
C ALA B 45 1.29 18.22 30.77
N LYS B 46 0.98 17.83 32.01
CA LYS B 46 1.65 16.69 32.62
C LYS B 46 1.25 15.35 32.00
N GLU B 47 0.15 15.30 31.26
CA GLU B 47 -0.35 14.06 30.69
C GLU B 47 -0.21 14.04 29.17
N ASP B 48 0.91 14.50 28.61
CA ASP B 48 1.10 14.52 27.15
C ASP B 48 2.32 13.68 26.78
N PRO B 49 2.16 12.38 26.52
CA PRO B 49 3.30 11.48 26.27
C PRO B 49 4.26 12.00 25.21
N LEU B 50 3.75 12.71 24.19
CA LEU B 50 4.64 13.21 23.14
C LEU B 50 5.48 14.38 23.63
N LEU B 51 4.87 15.29 24.40
CA LEU B 51 5.60 16.47 24.87
C LEU B 51 6.69 16.09 25.86
N THR B 52 6.34 15.27 26.86
CA THR B 52 7.31 14.80 27.85
C THR B 52 7.59 13.32 27.61
N PRO B 53 8.78 12.96 27.13
CA PRO B 53 9.07 11.54 26.87
C PRO B 53 8.91 10.70 28.13
N VAL B 54 8.36 9.50 27.95
CA VAL B 54 8.09 8.59 29.06
C VAL B 54 9.11 7.47 29.05
N PRO B 55 9.42 6.87 30.20
CA PRO B 55 10.35 5.74 30.22
C PRO B 55 9.79 4.54 29.47
N ALA B 56 10.68 3.73 28.92
CA ALA B 56 10.30 2.57 28.12
C ALA B 56 9.64 1.47 28.95
N SER B 57 9.49 1.66 30.26
CA SER B 57 8.83 0.64 31.08
C SER B 57 7.36 0.50 30.71
N GLU B 58 6.66 1.62 30.50
CA GLU B 58 5.23 1.61 30.21
C GLU B 58 4.91 2.09 28.81
N ASN B 59 5.87 2.02 27.88
CA ASN B 59 5.62 2.42 26.50
C ASN B 59 5.05 1.23 25.75
N PRO B 60 3.81 1.28 25.29
CA PRO B 60 3.23 0.12 24.59
C PRO B 60 3.96 -0.24 23.30
N PHE B 61 4.48 0.75 22.58
CA PHE B 61 5.19 0.49 21.32
C PHE B 61 6.68 0.26 21.61
N ARG B 62 6.93 -0.89 22.25
CA ARG B 62 8.29 -1.29 22.63
C ARG B 62 8.87 -2.12 21.49
N GLU B 63 9.73 -1.50 20.68
CA GLU B 63 10.35 -2.19 19.56
C GLU B 63 11.43 -3.14 20.04
N LEU C 5 2.75 -17.43 20.01
CA LEU C 5 3.49 -17.17 21.23
C LEU C 5 2.85 -17.85 22.42
N SER C 6 1.53 -17.74 22.53
CA SER C 6 0.77 -18.29 23.64
C SER C 6 -0.44 -19.06 23.14
N ALA C 7 -0.27 -19.80 22.05
CA ALA C 7 -1.26 -20.67 21.43
C ALA C 7 -2.46 -19.92 20.87
N GLU C 8 -2.51 -18.59 21.02
CA GLU C 8 -3.56 -17.78 20.43
C GLU C 8 -3.03 -16.63 19.59
N ASP C 9 -1.71 -16.41 19.57
CA ASP C 9 -1.09 -15.43 18.68
C ASP C 9 -0.56 -16.06 17.41
N LYS C 10 -0.15 -17.32 17.46
CA LYS C 10 0.28 -18.02 16.24
C LYS C 10 -0.87 -18.11 15.25
N ALA C 11 -2.09 -18.28 15.74
CA ALA C 11 -3.25 -18.28 14.87
C ALA C 11 -3.44 -16.91 14.21
N ALA C 12 -3.20 -15.84 14.95
CA ALA C 12 -3.26 -14.51 14.35
C ALA C 12 -2.20 -14.34 13.27
N VAL C 13 -0.99 -14.82 13.52
CA VAL C 13 0.07 -14.71 12.51
C VAL C 13 -0.28 -15.49 11.26
N GLU C 14 -0.81 -16.71 11.42
CA GLU C 14 -1.16 -17.49 10.22
C GLU C 14 -2.34 -16.88 9.49
N ARG C 15 -3.30 -16.29 10.21
CA ARG C 15 -4.39 -15.59 9.55
C ARG C 15 -3.87 -14.40 8.74
N SER C 16 -2.94 -13.62 9.31
CA SER C 16 -2.36 -12.51 8.59
C SER C 16 -1.56 -12.98 7.38
N LYS C 17 -0.89 -14.13 7.51
CA LYS C 17 -0.15 -14.69 6.38
C LYS C 17 -1.09 -15.10 5.25
N MET C 18 -2.23 -15.72 5.60
CA MET C 18 -3.22 -16.02 4.58
C MET C 18 -3.74 -14.74 3.92
N ILE C 19 -3.99 -13.71 4.74
CA ILE C 19 -4.52 -12.46 4.22
C ILE C 19 -3.56 -11.84 3.21
N ASP C 20 -2.29 -11.72 3.56
CA ASP C 20 -1.36 -11.06 2.65
C ASP C 20 -0.96 -11.95 1.48
N ARG C 21 -1.02 -13.28 1.63
CA ARG C 21 -0.86 -14.15 0.48
C ARG C 21 -1.98 -13.93 -0.53
N ASN C 22 -3.22 -13.85 -0.05
CA ASN C 22 -4.34 -13.56 -0.94
C ASN C 22 -4.20 -12.18 -1.58
N LEU C 23 -3.73 -11.20 -0.81
CA LEU C 23 -3.51 -9.86 -1.35
C LEU C 23 -2.48 -9.88 -2.48
N ARG C 24 -1.36 -10.57 -2.26
CA ARG C 24 -0.33 -10.65 -3.30
C ARG C 24 -0.86 -11.39 -4.52
N GLU C 25 -1.62 -12.47 -4.32
CA GLU C 25 -2.18 -13.21 -5.44
C GLU C 25 -3.12 -12.33 -6.27
N ASP C 26 -3.98 -11.55 -5.60
CA ASP C 26 -4.92 -10.70 -6.31
C ASP C 26 -4.22 -9.51 -6.95
N GLY C 27 -3.06 -9.09 -6.42
CA GLY C 27 -2.39 -7.93 -6.95
C GLY C 27 -1.86 -8.12 -8.36
N GLU C 28 -1.26 -9.28 -8.63
CA GLU C 28 -0.66 -9.53 -9.94
C GLU C 28 -1.69 -9.84 -11.01
N LYS C 29 -2.93 -10.18 -10.62
CA LYS C 29 -3.98 -10.40 -11.61
C LYS C 29 -4.41 -9.10 -12.28
N ALA C 30 -4.37 -7.99 -11.54
CA ALA C 30 -4.74 -6.69 -12.06
C ALA C 30 -3.55 -5.91 -12.62
N ALA C 31 -2.36 -6.51 -12.65
CA ALA C 31 -1.20 -5.85 -13.21
C ALA C 31 -1.01 -6.15 -14.70
N ARG C 32 -1.59 -7.23 -15.20
CA ARG C 32 -1.53 -7.56 -16.62
C ARG C 32 -2.74 -7.01 -17.36
N GLU C 33 -2.98 -5.71 -17.21
CA GLU C 33 -4.11 -5.04 -17.85
C GLU C 33 -3.66 -3.69 -18.37
N VAL C 34 -4.38 -3.20 -19.37
CA VAL C 34 -4.11 -1.90 -19.97
C VAL C 34 -5.21 -0.95 -19.57
N LYS C 35 -4.85 0.16 -18.94
CA LYS C 35 -5.79 1.16 -18.46
C LYS C 35 -5.75 2.38 -19.38
N LEU C 36 -6.93 2.76 -19.89
CA LEU C 36 -7.06 3.90 -20.78
C LEU C 36 -8.05 4.89 -20.20
N LEU C 37 -7.78 6.17 -20.37
CA LEU C 37 -8.65 7.24 -19.91
C LEU C 37 -9.31 7.90 -21.10
N LEU C 38 -10.64 7.90 -21.12
CA LEU C 38 -11.41 8.46 -22.23
C LEU C 38 -11.83 9.89 -21.88
N LEU C 39 -11.52 10.81 -22.78
CA LEU C 39 -11.83 12.23 -22.60
C LEU C 39 -12.51 12.77 -23.85
N GLY C 40 -12.88 14.04 -23.79
CA GLY C 40 -13.55 14.68 -24.91
C GLY C 40 -14.26 15.93 -24.45
N ALA C 41 -15.28 16.31 -25.22
CA ALA C 41 -16.06 17.51 -24.92
C ALA C 41 -17.47 17.32 -25.43
N GLY C 42 -18.43 17.27 -24.51
CA GLY C 42 -19.84 17.20 -24.90
C GLY C 42 -20.16 15.94 -25.66
N GLU C 43 -20.86 16.11 -26.78
CA GLU C 43 -21.34 15.00 -27.61
C GLU C 43 -20.44 14.75 -28.81
N SER C 44 -19.12 14.86 -28.62
CA SER C 44 -18.17 14.68 -29.71
C SER C 44 -18.20 13.26 -30.29
N GLY C 45 -18.79 12.31 -29.59
CA GLY C 45 -18.91 10.96 -30.10
C GLY C 45 -18.33 9.90 -29.21
N LYS C 46 -18.26 10.17 -27.90
CA LYS C 46 -17.78 9.15 -26.97
C LYS C 46 -18.69 7.94 -26.96
N ASN C 47 -20.01 8.16 -27.07
CA ASN C 47 -20.95 7.04 -27.12
C ASN C 47 -20.71 6.19 -28.35
N THR C 48 -20.49 6.82 -29.50
CA THR C 48 -20.20 6.06 -30.72
C THR C 48 -18.88 5.31 -30.60
N ILE C 49 -17.89 5.92 -29.97
CA ILE C 49 -16.61 5.25 -29.75
C ILE C 49 -16.78 4.02 -28.87
N VAL C 50 -17.58 4.14 -27.80
CA VAL C 50 -17.83 3.01 -26.92
C VAL C 50 -18.61 1.92 -27.65
N LYS C 51 -19.55 2.32 -28.51
CA LYS C 51 -20.27 1.33 -29.31
C LYS C 51 -19.35 0.60 -30.27
N GLN C 52 -18.42 1.33 -30.90
CA GLN C 52 -17.47 0.70 -31.82
C GLN C 52 -16.56 -0.28 -31.09
N MET C 53 -16.07 0.10 -29.90
CA MET C 53 -15.32 -0.81 -29.04
C MET C 53 -15.96 -0.88 -27.66
N LYS C 54 -16.93 -1.77 -27.53
CA LYS C 54 -17.60 -2.13 -26.28
C LYS C 54 -17.38 -3.61 -26.00
N ILE C 55 -17.99 -4.08 -24.92
CA ILE C 55 -17.89 -5.49 -24.55
C ILE C 55 -18.67 -6.34 -25.55
N THR C 182 -23.71 10.52 -11.92
CA THR C 182 -23.53 9.09 -11.75
C THR C 182 -22.12 8.77 -11.25
N GLY C 183 -21.12 9.32 -11.93
CA GLY C 183 -19.74 9.16 -11.54
C GLY C 183 -18.93 8.45 -12.61
N ILE C 184 -17.93 7.71 -12.17
CA ILE C 184 -17.01 7.02 -13.07
C ILE C 184 -17.72 5.83 -13.70
N VAL C 185 -17.60 5.70 -15.02
CA VAL C 185 -18.16 4.58 -15.77
C VAL C 185 -17.00 3.76 -16.32
N GLU C 186 -17.09 2.44 -16.20
CA GLU C 186 -16.02 1.54 -16.59
C GLU C 186 -16.49 0.58 -17.67
N THR C 187 -15.57 0.19 -18.54
CA THR C 187 -15.85 -0.72 -19.65
C THR C 187 -14.70 -1.69 -19.82
N HIS C 188 -15.03 -2.95 -20.13
CA HIS C 188 -14.03 -3.99 -20.36
C HIS C 188 -14.24 -4.60 -21.73
N PHE C 189 -13.14 -4.88 -22.43
CA PHE C 189 -13.21 -5.56 -23.72
C PHE C 189 -11.84 -6.15 -24.03
N THR C 190 -11.86 -7.28 -24.74
CA THR C 190 -10.66 -7.99 -25.14
C THR C 190 -10.64 -8.16 -26.65
N PHE C 191 -9.46 -7.96 -27.26
CA PHE C 191 -9.32 -8.10 -28.70
C PHE C 191 -8.39 -9.25 -29.10
N LYS C 192 -7.15 -9.24 -28.64
CA LYS C 192 -6.15 -10.23 -29.04
C LYS C 192 -5.37 -10.70 -27.83
N ASP C 193 -6.08 -11.11 -26.78
CA ASP C 193 -5.51 -11.55 -25.51
C ASP C 193 -4.89 -10.39 -24.73
N LEU C 194 -5.37 -9.18 -24.98
CA LEU C 194 -5.05 -8.01 -24.17
C LEU C 194 -6.33 -7.53 -23.49
N HIS C 195 -6.28 -7.38 -22.17
CA HIS C 195 -7.44 -6.96 -21.39
C HIS C 195 -7.40 -5.43 -21.26
N PHE C 196 -8.47 -4.77 -21.69
CA PHE C 196 -8.54 -3.32 -21.70
C PHE C 196 -9.55 -2.83 -20.67
N LYS C 197 -9.21 -1.74 -19.99
CA LYS C 197 -10.11 -1.05 -19.10
C LYS C 197 -10.17 0.42 -19.49
N MET C 198 -11.38 0.95 -19.64
CA MET C 198 -11.58 2.32 -20.08
C MET C 198 -12.47 3.04 -19.08
N PHE C 199 -11.96 4.14 -18.54
CA PHE C 199 -12.67 4.92 -17.52
C PHE C 199 -13.19 6.20 -18.15
N ASP C 200 -14.52 6.36 -18.16
CA ASP C 200 -15.16 7.56 -18.68
C ASP C 200 -15.54 8.44 -17.49
N VAL C 201 -15.07 9.69 -17.52
CA VAL C 201 -15.21 10.59 -16.38
C VAL C 201 -15.97 11.85 -16.81
N GLY C 202 -16.83 11.71 -17.81
CA GLY C 202 -17.55 12.84 -18.36
C GLY C 202 -18.73 13.35 -17.57
N ALA C 203 -19.03 12.74 -16.43
CA ALA C 203 -20.20 13.15 -15.64
C ALA C 203 -19.81 13.62 -14.25
N GLN C 204 -18.78 14.45 -14.15
CA GLN C 204 -18.32 14.98 -12.87
C GLN C 204 -18.71 16.44 -12.66
N ARG C 205 -18.41 17.30 -13.63
CA ARG C 205 -18.72 18.73 -13.60
C ARG C 205 -18.06 19.46 -12.44
N SER C 206 -17.13 18.83 -11.74
CA SER C 206 -16.41 19.44 -10.63
C SER C 206 -15.08 19.99 -11.14
N GLU C 207 -14.23 20.42 -10.20
CA GLU C 207 -12.92 20.95 -10.58
C GLU C 207 -12.00 19.79 -10.98
N ARG C 208 -11.43 19.88 -12.18
CA ARG C 208 -10.57 18.81 -12.66
C ARG C 208 -9.27 18.74 -11.88
N LYS C 209 -8.84 19.86 -11.30
CA LYS C 209 -7.53 19.91 -10.64
C LYS C 209 -7.48 18.99 -9.42
N LYS C 210 -8.59 18.82 -8.71
CA LYS C 210 -8.57 18.13 -7.43
C LYS C 210 -8.60 16.60 -7.56
N TRP C 211 -8.85 16.06 -8.75
CA TRP C 211 -8.88 14.61 -8.90
C TRP C 211 -8.15 14.11 -10.14
N ILE C 212 -7.48 14.98 -10.91
CA ILE C 212 -6.80 14.53 -12.12
C ILE C 212 -5.52 13.78 -11.79
N HIS C 213 -4.97 13.94 -10.59
CA HIS C 213 -3.76 13.23 -10.23
C HIS C 213 -4.03 11.78 -9.82
N CYS C 214 -5.29 11.37 -9.72
CA CYS C 214 -5.60 9.98 -9.44
C CYS C 214 -5.31 9.09 -10.64
N PHE C 215 -5.42 9.64 -11.85
CA PHE C 215 -5.29 8.86 -13.08
C PHE C 215 -3.87 8.83 -13.62
N GLU C 216 -2.90 9.41 -12.92
CA GLU C 216 -1.52 9.36 -13.37
C GLU C 216 -1.02 7.93 -13.34
N GLY C 217 -0.43 7.48 -14.44
CA GLY C 217 0.02 6.11 -14.58
C GLY C 217 -0.76 5.29 -15.59
N VAL C 218 -1.72 5.88 -16.29
CA VAL C 218 -2.46 5.14 -17.32
C VAL C 218 -1.57 4.94 -18.54
N THR C 219 -1.86 3.88 -19.29
CA THR C 219 -1.04 3.57 -20.46
C THR C 219 -1.15 4.64 -21.53
N ALA C 220 -2.37 5.12 -21.80
CA ALA C 220 -2.58 6.11 -22.83
C ALA C 220 -3.89 6.84 -22.56
N ILE C 221 -4.09 7.94 -23.28
CA ILE C 221 -5.30 8.76 -23.17
C ILE C 221 -5.97 8.81 -24.53
N ILE C 222 -7.28 8.55 -24.56
CA ILE C 222 -8.06 8.60 -25.79
C ILE C 222 -8.80 9.92 -25.83
N PHE C 223 -8.66 10.66 -26.93
CA PHE C 223 -9.30 11.95 -27.11
C PHE C 223 -10.24 11.88 -28.31
N CYS C 224 -11.47 12.37 -28.12
CA CYS C 224 -12.49 12.34 -29.16
C CYS C 224 -12.85 13.76 -29.56
N VAL C 225 -12.78 14.05 -30.86
CA VAL C 225 -13.09 15.37 -31.40
C VAL C 225 -14.07 15.20 -32.55
N ALA C 226 -15.00 16.14 -32.66
CA ALA C 226 -15.99 16.15 -33.74
C ALA C 226 -15.54 17.12 -34.82
N LEU C 227 -15.31 16.60 -36.03
CA LEU C 227 -14.88 17.45 -37.13
C LEU C 227 -15.97 18.45 -37.51
N SER C 228 -17.23 18.01 -37.50
CA SER C 228 -18.35 18.86 -37.89
C SER C 228 -18.79 19.76 -36.73
N ASP C 229 -17.86 20.64 -36.35
CA ASP C 229 -18.14 21.60 -35.28
C ASP C 229 -17.64 23.00 -35.57
N TYR C 230 -17.00 23.23 -36.72
CA TYR C 230 -16.50 24.57 -37.04
C TYR C 230 -17.65 25.53 -37.31
N ASP C 231 -18.73 25.05 -37.93
CA ASP C 231 -19.86 25.91 -38.27
C ASP C 231 -20.79 26.13 -37.09
N LEU C 232 -20.63 25.39 -36.00
CA LEU C 232 -21.52 25.48 -34.86
C LEU C 232 -20.82 26.17 -33.69
N VAL C 233 -21.60 26.90 -32.90
CA VAL C 233 -21.11 27.59 -31.72
C VAL C 233 -21.82 27.07 -30.50
N LEU C 234 -21.45 27.55 -29.32
CA LEU C 234 -22.08 27.11 -28.08
C LEU C 234 -23.50 27.64 -27.98
N ALA C 235 -24.29 26.99 -27.14
CA ALA C 235 -25.70 27.37 -26.98
C ALA C 235 -25.84 28.59 -26.08
N GLU C 236 -25.31 28.51 -24.85
CA GLU C 236 -25.45 29.61 -23.89
C GLU C 236 -24.58 30.80 -24.26
N ASP C 237 -23.52 30.61 -25.04
CA ASP C 237 -22.63 31.68 -25.45
C ASP C 237 -22.50 31.66 -26.97
N GLU C 238 -22.69 32.83 -27.59
CA GLU C 238 -22.63 32.93 -29.04
C GLU C 238 -21.24 33.30 -29.54
N GLU C 239 -20.48 34.08 -28.78
CA GLU C 239 -19.14 34.49 -29.21
C GLU C 239 -18.08 33.49 -28.76
N MET C 240 -18.27 32.23 -29.11
CA MET C 240 -17.32 31.19 -28.77
C MET C 240 -17.52 30.01 -29.72
N ASN C 241 -16.53 29.77 -30.58
CA ASN C 241 -16.59 28.63 -31.49
C ASN C 241 -16.51 27.33 -30.70
N ARG C 242 -17.31 26.35 -31.11
CA ARG C 242 -17.27 25.05 -30.45
C ARG C 242 -15.98 24.29 -30.75
N MET C 243 -15.25 24.68 -31.78
CA MET C 243 -13.98 24.03 -32.11
C MET C 243 -12.79 24.68 -31.42
N HIS C 244 -13.00 25.78 -30.69
CA HIS C 244 -11.93 26.39 -29.92
C HIS C 244 -11.89 25.87 -28.48
N ALA C 245 -13.05 25.54 -27.90
CA ALA C 245 -13.07 24.95 -26.58
C ALA C 245 -12.39 23.58 -26.59
N SER C 246 -12.60 22.80 -27.65
CA SER C 246 -11.92 21.52 -27.77
C SER C 246 -10.41 21.70 -27.84
N MET C 247 -9.95 22.70 -28.60
CA MET C 247 -8.52 22.96 -28.68
C MET C 247 -7.96 23.39 -27.33
N LYS C 248 -8.71 24.22 -26.59
CA LYS C 248 -8.27 24.63 -25.27
C LYS C 248 -8.18 23.44 -24.32
N LEU C 249 -9.16 22.54 -24.37
CA LEU C 249 -9.14 21.36 -23.52
C LEU C 249 -7.96 20.45 -23.88
N PHE C 250 -7.70 20.28 -25.18
CA PHE C 250 -6.55 19.49 -25.59
C PHE C 250 -5.25 20.10 -25.12
N ASP C 251 -5.13 21.43 -25.23
CA ASP C 251 -3.92 22.11 -24.76
C ASP C 251 -3.73 21.94 -23.27
N SER C 252 -4.82 22.03 -22.49
CA SER C 252 -4.72 21.87 -21.05
C SER C 252 -4.34 20.45 -20.68
N ILE C 253 -4.96 19.44 -21.32
CA ILE C 253 -4.72 18.06 -20.95
C ILE C 253 -3.32 17.62 -21.37
N CYS C 254 -2.90 17.97 -22.59
CA CYS C 254 -1.63 17.49 -23.11
C CYS C 254 -0.45 17.99 -22.28
N ASN C 255 -0.48 19.27 -21.91
CA ASN C 255 0.62 19.87 -21.14
C ASN C 255 0.20 19.95 -19.68
N ASN C 256 0.42 18.83 -18.98
CA ASN C 256 0.13 18.73 -17.55
C ASN C 256 1.34 18.16 -16.84
N LYS C 257 1.51 18.56 -15.57
CA LYS C 257 2.64 18.07 -14.79
C LYS C 257 2.53 16.60 -14.44
N TRP C 258 1.35 15.98 -14.63
CA TRP C 258 1.16 14.57 -14.31
C TRP C 258 1.23 13.67 -15.53
N PHE C 259 0.97 14.19 -16.73
CA PHE C 259 0.89 13.39 -17.95
C PHE C 259 2.02 13.73 -18.92
N THR C 260 3.23 13.92 -18.40
CA THR C 260 4.34 14.31 -19.26
C THR C 260 4.80 13.17 -20.16
N ASP C 261 4.75 11.93 -19.67
CA ASP C 261 5.24 10.76 -20.39
C ASP C 261 4.12 9.83 -20.85
N THR C 262 2.94 10.38 -21.09
CA THR C 262 1.78 9.59 -21.50
C THR C 262 1.35 10.00 -22.90
N SER C 263 1.24 9.02 -23.79
CA SER C 263 0.86 9.28 -25.17
C SER C 263 -0.64 9.55 -25.27
N ILE C 264 -1.05 10.10 -26.43
CA ILE C 264 -2.43 10.50 -26.66
C ILE C 264 -2.89 9.91 -28.00
N ILE C 265 -4.07 9.32 -28.00
CA ILE C 265 -4.72 8.82 -29.21
C ILE C 265 -5.86 9.76 -29.55
N LEU C 266 -5.83 10.31 -30.76
CA LEU C 266 -6.78 11.33 -31.18
C LEU C 266 -7.76 10.74 -32.19
N PHE C 267 -9.05 10.98 -31.97
CA PHE C 267 -10.10 10.52 -32.86
C PHE C 267 -10.89 11.72 -33.36
N LEU C 268 -11.06 11.81 -34.68
CA LEU C 268 -11.90 12.82 -35.31
C LEU C 268 -13.15 12.11 -35.82
N ASN C 269 -14.28 12.38 -35.18
CA ASN C 269 -15.42 11.47 -35.26
C ASN C 269 -16.28 11.69 -36.50
N LYS C 270 -16.89 12.87 -36.63
CA LYS C 270 -17.90 13.08 -37.66
C LYS C 270 -17.23 13.61 -38.92
N LYS C 271 -17.03 12.73 -39.90
CA LYS C 271 -16.39 13.10 -41.16
C LYS C 271 -17.34 13.10 -42.35
N ASP C 272 -18.42 12.31 -42.33
CA ASP C 272 -19.36 12.33 -43.43
C ASP C 272 -20.18 13.62 -43.43
N LEU C 273 -20.64 14.04 -42.27
CA LEU C 273 -21.35 15.32 -42.18
C LEU C 273 -20.40 16.48 -42.49
N PHE C 274 -19.13 16.34 -42.12
CA PHE C 274 -18.12 17.32 -42.51
C PHE C 274 -17.98 17.39 -44.03
N GLU C 275 -17.98 16.24 -44.70
CA GLU C 275 -17.96 16.22 -46.15
C GLU C 275 -19.19 16.90 -46.74
N GLU C 276 -20.36 16.63 -46.15
CA GLU C 276 -21.59 17.23 -46.66
C GLU C 276 -21.57 18.75 -46.52
N LYS C 277 -21.10 19.26 -45.39
CA LYS C 277 -21.14 20.69 -45.13
C LYS C 277 -19.92 21.45 -45.66
N ILE C 278 -18.87 20.76 -46.09
CA ILE C 278 -17.68 21.47 -46.55
C ILE C 278 -17.85 22.06 -47.94
N LYS C 279 -18.79 21.55 -48.74
CA LYS C 279 -18.98 22.06 -50.09
C LYS C 279 -19.52 23.48 -50.09
N LYS C 280 -20.53 23.74 -49.24
CA LYS C 280 -21.15 25.06 -49.20
C LYS C 280 -20.50 25.99 -48.18
N SER C 281 -20.12 25.46 -47.01
CA SER C 281 -19.55 26.36 -46.02
C SER C 281 -18.03 26.32 -46.09
N PRO C 282 -17.37 27.46 -45.85
CA PRO C 282 -15.91 27.48 -45.85
C PRO C 282 -15.26 27.32 -44.48
N LEU C 283 -14.02 26.84 -44.47
CA LEU C 283 -13.28 26.71 -43.21
C LEU C 283 -12.75 28.05 -42.71
N THR C 284 -12.86 29.11 -43.52
CA THR C 284 -12.36 30.42 -43.11
C THR C 284 -13.17 31.01 -41.95
N ILE C 285 -14.36 30.47 -41.66
CA ILE C 285 -15.12 30.97 -40.53
C ILE C 285 -14.39 30.71 -39.21
N CYS C 286 -13.84 29.51 -39.05
CA CYS C 286 -13.09 29.19 -37.84
C CYS C 286 -11.72 29.86 -37.85
N TYR C 287 -10.88 29.50 -38.82
CA TYR C 287 -9.59 30.15 -39.00
C TYR C 287 -9.59 30.94 -40.30
N PRO C 288 -9.60 32.27 -40.26
CA PRO C 288 -9.54 33.04 -41.52
C PRO C 288 -8.13 33.08 -42.09
N GLU C 289 -7.45 31.94 -42.08
CA GLU C 289 -6.11 31.81 -42.66
C GLU C 289 -5.93 30.50 -43.41
N TYR C 290 -7.02 29.78 -43.71
CA TYR C 290 -6.91 28.47 -44.34
C TYR C 290 -6.20 28.56 -45.68
N ALA C 291 -6.65 29.48 -46.54
CA ALA C 291 -6.01 29.77 -47.83
C ALA C 291 -5.80 28.50 -48.65
N GLY C 292 -6.92 27.86 -49.01
CA GLY C 292 -6.87 26.65 -49.81
C GLY C 292 -8.22 26.33 -50.39
N SER C 293 -8.21 25.40 -51.35
CA SER C 293 -9.44 24.96 -51.98
C SER C 293 -10.30 24.18 -50.99
N ASN C 294 -11.61 24.43 -51.04
CA ASN C 294 -12.56 23.80 -50.13
C ASN C 294 -12.80 22.35 -50.58
N THR C 295 -11.85 21.50 -50.27
CA THR C 295 -11.93 20.07 -50.55
C THR C 295 -11.74 19.29 -49.25
N TYR C 296 -11.81 17.96 -49.36
CA TYR C 296 -11.69 17.11 -48.17
C TYR C 296 -10.25 17.04 -47.67
N GLU C 297 -9.30 16.75 -48.56
CA GLU C 297 -7.93 16.48 -48.12
C GLU C 297 -7.27 17.74 -47.56
N GLU C 298 -7.35 18.85 -48.30
CA GLU C 298 -6.65 20.06 -47.90
C GLU C 298 -7.22 20.67 -46.63
N ALA C 299 -8.48 20.38 -46.30
CA ALA C 299 -9.06 20.86 -45.05
C ALA C 299 -8.82 19.89 -43.90
N ALA C 300 -8.94 18.58 -44.16
CA ALA C 300 -8.71 17.59 -43.11
C ALA C 300 -7.26 17.61 -42.64
N ALA C 301 -6.31 17.73 -43.58
CA ALA C 301 -4.90 17.81 -43.17
C ALA C 301 -4.64 19.06 -42.35
N TYR C 302 -5.23 20.19 -42.74
CA TYR C 302 -5.06 21.41 -41.97
C TYR C 302 -5.65 21.27 -40.56
N ILE C 303 -6.83 20.65 -40.46
CA ILE C 303 -7.44 20.45 -39.15
C ILE C 303 -6.58 19.53 -38.28
N GLN C 304 -6.07 18.45 -38.86
CA GLN C 304 -5.21 17.55 -38.11
C GLN C 304 -3.94 18.26 -37.64
N CYS C 305 -3.36 19.09 -38.51
CA CYS C 305 -2.17 19.84 -38.13
C CYS C 305 -2.47 20.83 -37.01
N GLN C 306 -3.64 21.46 -37.05
CA GLN C 306 -3.98 22.46 -36.04
C GLN C 306 -4.00 21.86 -34.64
N PHE C 307 -4.25 20.56 -34.52
CA PHE C 307 -4.30 19.89 -33.23
C PHE C 307 -2.97 19.26 -32.82
N GLU C 308 -1.93 19.34 -33.67
CA GLU C 308 -0.69 18.62 -33.40
C GLU C 308 0.47 19.51 -32.99
N ASP C 309 0.46 20.80 -33.32
CA ASP C 309 1.46 21.72 -32.81
C ASP C 309 1.13 22.28 -31.44
N LEU C 310 -0.01 21.89 -30.87
CA LEU C 310 -0.31 22.24 -29.48
C LEU C 310 0.54 21.43 -28.50
N ASN C 311 1.24 20.42 -28.97
CA ASN C 311 2.11 19.59 -28.13
C ASN C 311 3.49 20.21 -28.09
N LYS C 312 3.91 20.67 -26.91
CA LYS C 312 5.21 21.30 -26.73
C LYS C 312 6.20 20.39 -26.01
N ARG C 313 5.96 19.09 -26.01
CA ARG C 313 6.83 18.09 -25.40
C ARG C 313 7.17 17.01 -26.41
N LYS C 314 7.59 17.44 -27.60
CA LYS C 314 7.84 16.52 -28.71
C LYS C 314 8.91 15.49 -28.39
N ASP C 315 9.79 15.77 -27.43
CA ASP C 315 10.87 14.85 -27.12
C ASP C 315 10.45 13.68 -26.23
N THR C 316 9.24 13.71 -25.69
CA THR C 316 8.78 12.65 -24.79
C THR C 316 7.38 12.14 -25.06
N LYS C 317 6.59 12.82 -25.91
CA LYS C 317 5.21 12.44 -26.15
C LYS C 317 4.97 12.19 -27.63
N GLU C 318 4.03 11.30 -27.92
CA GLU C 318 3.64 10.96 -29.28
C GLU C 318 2.12 11.03 -29.40
N ILE C 319 1.65 11.46 -30.55
CA ILE C 319 0.22 11.64 -30.81
C ILE C 319 -0.16 10.84 -32.04
N TYR C 320 -1.16 9.97 -31.90
CA TYR C 320 -1.68 9.16 -32.99
C TYR C 320 -3.05 9.66 -33.41
N THR C 321 -3.23 9.87 -34.71
CA THR C 321 -4.48 10.41 -35.24
C THR C 321 -5.14 9.38 -36.16
N HIS C 322 -6.46 9.39 -36.16
CA HIS C 322 -7.24 8.44 -36.97
C HIS C 322 -8.54 9.09 -37.42
N PHE C 323 -8.77 9.12 -38.72
CA PHE C 323 -10.03 9.58 -39.29
C PHE C 323 -10.97 8.39 -39.38
N THR C 324 -12.04 8.42 -38.59
CA THR C 324 -13.00 7.33 -38.55
C THR C 324 -14.40 7.91 -38.49
N CYS C 325 -15.39 7.12 -38.95
CA CYS C 325 -16.81 7.57 -38.86
C CYS C 325 -17.72 6.36 -39.06
N SER C 326 -18.29 5.82 -37.98
CA SER C 326 -19.13 4.60 -38.07
C SER C 326 -18.37 3.52 -38.84
N THR C 327 -17.06 3.39 -38.59
CA THR C 327 -16.23 2.36 -39.27
C THR C 327 -16.39 1.04 -38.54
N ASP C 328 -15.67 0.01 -38.97
CA ASP C 328 -15.81 -1.35 -38.36
C ASP C 328 -14.79 -1.64 -37.25
N THR C 329 -14.07 -2.75 -37.34
CA THR C 329 -13.08 -3.13 -36.31
C THR C 329 -11.84 -2.27 -36.47
N LYS C 330 -11.78 -1.45 -37.51
CA LYS C 330 -10.64 -0.54 -37.73
C LYS C 330 -10.43 0.30 -36.48
N ASN C 331 -11.52 0.70 -35.82
CA ASN C 331 -11.45 1.53 -34.59
C ASN C 331 -10.68 0.79 -33.50
N VAL C 332 -10.87 -0.53 -33.38
CA VAL C 332 -10.22 -1.31 -32.28
C VAL C 332 -8.79 -1.67 -32.69
N GLN C 333 -8.57 -2.00 -33.96
CA GLN C 333 -7.24 -2.36 -34.44
C GLN C 333 -6.25 -1.22 -34.27
N PHE C 334 -6.69 0.01 -34.52
CA PHE C 334 -5.82 1.17 -34.33
C PHE C 334 -5.38 1.30 -32.88
N VAL C 335 -6.31 1.13 -31.93
CA VAL C 335 -5.97 1.21 -30.51
C VAL C 335 -5.00 0.10 -30.14
N PHE C 336 -5.24 -1.12 -30.66
CA PHE C 336 -4.34 -2.23 -30.37
C PHE C 336 -2.92 -1.93 -30.85
N ASP C 337 -2.80 -1.42 -32.09
CA ASP C 337 -1.48 -1.11 -32.63
C ASP C 337 -0.80 -0.02 -31.82
N ALA C 338 -1.55 1.03 -31.45
CA ALA C 338 -0.96 2.12 -30.67
C ALA C 338 -0.48 1.63 -29.32
N VAL C 339 -1.27 0.79 -28.66
CA VAL C 339 -0.88 0.26 -27.35
C VAL C 339 0.36 -0.62 -27.47
N THR C 340 0.42 -1.45 -28.52
CA THR C 340 1.61 -2.27 -28.74
C THR C 340 2.85 -1.41 -28.94
N ASP C 341 2.72 -0.35 -29.75
CA ASP C 341 3.86 0.55 -29.97
C ASP C 341 4.29 1.23 -28.66
N VAL C 342 3.32 1.67 -27.86
CA VAL C 342 3.64 2.34 -26.60
C VAL C 342 4.37 1.38 -25.66
N ILE C 343 3.89 0.14 -25.57
CA ILE C 343 4.54 -0.84 -24.69
C ILE C 343 5.96 -1.14 -25.16
N ILE C 344 6.14 -1.32 -26.46
CA ILE C 344 7.49 -1.61 -26.97
C ILE C 344 8.43 -0.46 -26.69
N LYS C 345 7.99 0.78 -26.92
CA LYS C 345 8.85 1.93 -26.66
C LYS C 345 9.14 2.08 -25.17
N ASN C 346 8.17 1.79 -24.31
CA ASN C 346 8.40 1.83 -22.87
C ASN C 346 9.44 0.80 -22.46
N ASN C 347 9.38 -0.40 -23.03
CA ASN C 347 10.38 -1.42 -22.74
C ASN C 347 11.76 -0.98 -23.22
N LEU C 348 11.82 -0.36 -24.40
CA LEU C 348 13.10 0.09 -24.94
C LEU C 348 13.70 1.22 -24.11
N LYS C 349 12.87 2.08 -23.53
CA LYS C 349 13.38 3.22 -22.77
C LYS C 349 14.02 2.81 -21.46
N ASP C 350 13.80 1.59 -20.98
CA ASP C 350 14.37 1.17 -19.72
C ASP C 350 15.86 0.86 -19.82
N CYS C 351 16.37 0.61 -21.02
CA CYS C 351 17.78 0.32 -21.23
C CYS C 351 18.61 1.56 -21.51
N GLY C 352 18.00 2.74 -21.47
CA GLY C 352 18.69 3.93 -21.92
C GLY C 352 19.01 3.91 -23.39
N LEU C 353 18.29 3.12 -24.17
CA LEU C 353 18.62 2.82 -25.55
C LEU C 353 17.68 3.50 -26.53
N PHE C 354 16.66 4.21 -26.03
CA PHE C 354 15.70 4.91 -26.89
C PHE C 354 15.50 6.33 -26.38
N ASP D 2 -27.67 -18.31 10.27
CA ASP D 2 -28.36 -19.60 10.25
C ASP D 2 -27.36 -20.75 10.22
N VAL D 3 -26.63 -20.91 11.32
CA VAL D 3 -25.62 -21.96 11.43
C VAL D 3 -26.31 -23.28 11.74
N GLN D 4 -26.01 -24.31 10.95
CA GLN D 4 -26.55 -25.64 11.16
C GLN D 4 -25.42 -26.65 11.08
N LEU D 5 -25.52 -27.70 11.91
CA LEU D 5 -24.48 -28.73 11.99
C LEU D 5 -25.14 -30.10 11.80
N VAL D 6 -24.59 -30.88 10.88
CA VAL D 6 -25.07 -32.23 10.59
C VAL D 6 -23.89 -33.19 10.69
N GLU D 7 -24.11 -34.33 11.33
CA GLU D 7 -23.09 -35.36 11.47
C GLU D 7 -23.62 -36.70 10.98
N SER D 8 -22.71 -37.53 10.48
CA SER D 8 -23.06 -38.85 9.98
C SER D 8 -22.08 -39.88 10.52
N GLY D 9 -22.55 -41.12 10.64
CA GLY D 9 -21.74 -42.20 11.15
C GLY D 9 -21.98 -42.46 12.63
N GLY D 10 -21.73 -43.68 13.04
CA GLY D 10 -21.91 -44.10 14.41
C GLY D 10 -22.37 -45.54 14.47
N GLY D 11 -22.93 -45.91 15.61
CA GLY D 11 -23.46 -47.25 15.83
C GLY D 11 -22.43 -48.18 16.45
N LEU D 12 -22.93 -49.34 16.87
CA LEU D 12 -22.08 -50.36 17.47
C LEU D 12 -21.12 -50.94 16.45
N VAL D 13 -19.91 -51.29 16.90
CA VAL D 13 -18.90 -51.88 16.04
C VAL D 13 -17.96 -52.70 16.91
N GLN D 14 -17.31 -53.69 16.32
CA GLN D 14 -16.34 -54.51 17.02
C GLN D 14 -15.02 -53.76 17.19
N PRO D 15 -14.24 -54.10 18.22
CA PRO D 15 -12.96 -53.42 18.41
C PRO D 15 -12.03 -53.61 17.21
N GLY D 16 -11.27 -52.56 16.91
CA GLY D 16 -10.39 -52.58 15.75
C GLY D 16 -11.06 -52.27 14.44
N GLY D 17 -12.33 -51.86 14.45
CA GLY D 17 -13.03 -51.56 13.22
C GLY D 17 -12.56 -50.27 12.59
N SER D 18 -13.00 -50.06 11.35
CA SER D 18 -12.63 -48.89 10.57
C SER D 18 -13.89 -48.20 10.06
N ARG D 19 -13.95 -46.88 10.25
CA ARG D 19 -15.05 -46.08 9.75
C ARG D 19 -14.56 -44.63 9.66
N LYS D 20 -15.48 -43.72 9.36
CA LYS D 20 -15.17 -42.30 9.26
C LYS D 20 -16.30 -41.48 9.84
N LEU D 21 -15.96 -40.46 10.61
CA LEU D 21 -16.93 -39.52 11.18
C LEU D 21 -17.04 -38.31 10.28
N SER D 22 -18.27 -37.95 9.89
CA SER D 22 -18.51 -36.89 8.94
C SER D 22 -19.24 -35.73 9.61
N CYS D 23 -18.93 -34.52 9.15
CA CYS D 23 -19.57 -33.31 9.64
C CYS D 23 -19.97 -32.43 8.46
N SER D 24 -21.07 -31.72 8.61
CA SER D 24 -21.58 -30.83 7.57
C SER D 24 -21.80 -29.44 8.16
N ALA D 25 -21.42 -28.42 7.39
CA ALA D 25 -21.51 -27.03 7.83
C ALA D 25 -22.22 -26.20 6.78
N SER D 26 -22.98 -25.21 7.23
CA SER D 26 -23.71 -24.33 6.33
C SER D 26 -24.01 -23.03 7.05
N GLY D 27 -24.29 -21.99 6.26
CA GLY D 27 -24.67 -20.70 6.79
C GLY D 27 -23.54 -19.80 7.22
N PHE D 28 -22.28 -20.21 7.01
CA PHE D 28 -21.14 -19.39 7.38
C PHE D 28 -19.95 -19.78 6.53
N ALA D 29 -18.93 -18.92 6.54
CA ALA D 29 -17.71 -19.15 5.78
C ALA D 29 -16.92 -20.26 6.47
N PHE D 30 -16.96 -21.46 5.90
CA PHE D 30 -16.28 -22.60 6.51
C PHE D 30 -14.78 -22.53 6.32
N SER D 31 -14.31 -21.83 5.29
CA SER D 31 -12.88 -21.81 4.98
C SER D 31 -12.07 -20.91 5.90
N SER D 32 -12.73 -20.10 6.74
CA SER D 32 -12.03 -19.17 7.61
C SER D 32 -12.08 -19.56 9.08
N PHE D 33 -12.57 -20.76 9.40
CA PHE D 33 -12.75 -21.19 10.77
C PHE D 33 -11.97 -22.48 11.01
N GLY D 34 -11.17 -22.50 12.08
CA GLY D 34 -10.59 -23.75 12.53
C GLY D 34 -11.61 -24.60 13.27
N MET D 35 -11.42 -25.91 13.21
CA MET D 35 -12.38 -26.86 13.75
C MET D 35 -11.74 -27.71 14.84
N HIS D 36 -12.56 -28.11 15.81
CA HIS D 36 -12.14 -28.95 16.92
C HIS D 36 -13.09 -30.13 17.04
N TRP D 37 -12.56 -31.23 17.59
CA TRP D 37 -13.35 -32.41 17.91
C TRP D 37 -13.31 -32.62 19.41
N VAL D 38 -14.49 -32.72 20.03
CA VAL D 38 -14.61 -32.89 21.47
C VAL D 38 -15.55 -34.06 21.73
N ARG D 39 -15.12 -35.00 22.58
CA ARG D 39 -15.90 -36.17 22.93
C ARG D 39 -16.22 -36.16 24.41
N GLN D 40 -17.29 -36.86 24.78
CA GLN D 40 -17.74 -36.93 26.17
C GLN D 40 -18.22 -38.35 26.45
N ALA D 41 -17.43 -39.10 27.22
CA ALA D 41 -17.83 -40.44 27.61
C ALA D 41 -19.00 -40.39 28.59
N PRO D 42 -19.81 -41.44 28.65
CA PRO D 42 -20.92 -41.47 29.62
C PRO D 42 -20.40 -41.34 31.04
N GLU D 43 -21.12 -40.55 31.85
CA GLU D 43 -20.74 -40.26 33.23
C GLU D 43 -19.33 -39.68 33.32
N LYS D 44 -18.95 -38.88 32.32
CA LYS D 44 -17.60 -38.32 32.25
C LYS D 44 -17.68 -36.93 31.65
N GLY D 45 -16.61 -36.16 31.84
CA GLY D 45 -16.52 -34.83 31.28
C GLY D 45 -16.04 -34.82 29.84
N LEU D 46 -15.99 -33.62 29.27
CA LEU D 46 -15.54 -33.46 27.90
C LEU D 46 -14.04 -33.69 27.79
N GLU D 47 -13.59 -34.01 26.58
CA GLU D 47 -12.18 -34.29 26.33
C GLU D 47 -11.82 -33.80 24.94
N TRP D 48 -10.85 -32.91 24.85
CA TRP D 48 -10.39 -32.42 23.55
C TRP D 48 -9.69 -33.55 22.79
N VAL D 49 -9.95 -33.62 21.49
CA VAL D 49 -9.47 -34.72 20.65
C VAL D 49 -8.48 -34.23 19.60
N ALA D 50 -8.88 -33.29 18.75
CA ALA D 50 -8.03 -32.86 17.65
C ALA D 50 -8.38 -31.44 17.25
N TYR D 51 -7.48 -30.82 16.48
CA TYR D 51 -7.65 -29.45 16.03
C TYR D 51 -7.01 -29.28 14.66
N ILE D 52 -7.71 -28.62 13.76
CA ILE D 52 -7.20 -28.31 12.43
C ILE D 52 -7.51 -26.84 12.13
N SER D 53 -6.52 -26.11 11.64
CA SER D 53 -6.68 -24.68 11.37
C SER D 53 -7.10 -24.45 9.93
N SER D 54 -7.38 -23.19 9.62
CA SER D 54 -7.72 -22.81 8.25
C SER D 54 -6.51 -22.99 7.34
N GLY D 55 -6.76 -23.57 6.17
CA GLY D 55 -5.69 -23.89 5.25
C GLY D 55 -4.96 -25.18 5.53
N SER D 56 -5.38 -25.94 6.56
CA SER D 56 -4.78 -27.22 6.91
C SER D 56 -3.27 -27.09 7.13
N GLY D 57 -2.87 -26.01 7.81
CA GLY D 57 -1.47 -25.78 8.06
C GLY D 57 -1.01 -26.23 9.44
N THR D 58 -1.96 -26.61 10.30
CA THR D 58 -1.63 -27.02 11.65
C THR D 58 -2.62 -28.10 12.10
N ILE D 59 -2.08 -29.24 12.55
CA ILE D 59 -2.88 -30.35 13.03
C ILE D 59 -2.31 -30.82 14.36
N TYR D 60 -3.20 -31.05 15.34
CA TYR D 60 -2.81 -31.54 16.65
C TYR D 60 -3.68 -32.74 17.03
N TYR D 61 -3.13 -33.61 17.87
CA TYR D 61 -3.83 -34.79 18.34
C TYR D 61 -3.57 -34.96 19.83
N ALA D 62 -4.47 -35.71 20.48
CA ALA D 62 -4.34 -35.96 21.91
C ALA D 62 -3.26 -37.00 22.16
N ASP D 63 -2.84 -37.09 23.43
CA ASP D 63 -1.78 -38.02 23.79
C ASP D 63 -2.21 -39.47 23.59
N THR D 64 -3.44 -39.79 23.97
CA THR D 64 -3.98 -41.14 23.82
C THR D 64 -4.68 -41.35 22.48
N VAL D 65 -4.67 -40.34 21.62
CA VAL D 65 -5.34 -40.42 20.33
C VAL D 65 -4.36 -40.54 19.17
N LYS D 66 -3.19 -39.89 19.25
CA LYS D 66 -2.25 -39.87 18.13
C LYS D 66 -1.84 -41.28 17.73
N GLY D 67 -1.75 -41.51 16.42
CA GLY D 67 -1.37 -42.78 15.84
C GLY D 67 -2.54 -43.58 15.30
N ARG D 68 -3.70 -43.50 15.96
CA ARG D 68 -4.88 -44.25 15.55
C ARG D 68 -6.01 -43.34 15.06
N PHE D 69 -5.69 -42.10 14.69
CA PHE D 69 -6.70 -41.16 14.25
C PHE D 69 -6.09 -40.15 13.30
N THR D 70 -6.94 -39.54 12.47
CA THR D 70 -6.52 -38.50 11.55
C THR D 70 -7.70 -37.59 11.27
N ILE D 71 -7.38 -36.38 10.80
CA ILE D 71 -8.38 -35.35 10.53
C ILE D 71 -8.14 -34.77 9.15
N SER D 72 -9.21 -34.22 8.57
CA SER D 72 -9.15 -33.62 7.25
C SER D 72 -10.37 -32.73 7.05
N ARG D 73 -10.32 -31.91 6.01
CA ARG D 73 -11.42 -31.02 5.68
C ARG D 73 -11.53 -30.89 4.17
N ASP D 74 -12.72 -30.53 3.70
CA ASP D 74 -13.00 -30.35 2.28
C ASP D 74 -13.62 -28.98 2.08
N ASP D 75 -12.82 -28.02 1.60
CA ASP D 75 -13.32 -26.66 1.41
C ASP D 75 -14.45 -26.58 0.38
N PRO D 76 -14.35 -27.15 -0.83
CA PRO D 76 -15.47 -27.01 -1.77
C PRO D 76 -16.77 -27.60 -1.29
N LYS D 77 -16.73 -28.69 -0.52
CA LYS D 77 -17.95 -29.34 -0.05
C LYS D 77 -18.34 -28.96 1.37
N ASN D 78 -17.51 -28.18 2.07
CA ASN D 78 -17.77 -27.77 3.45
C ASN D 78 -18.01 -28.99 4.34
N THR D 79 -17.06 -29.92 4.34
CA THR D 79 -17.18 -31.18 5.04
C THR D 79 -15.96 -31.41 5.92
N LEU D 80 -16.18 -32.03 7.07
CA LEU D 80 -15.10 -32.39 8.00
C LEU D 80 -15.12 -33.90 8.22
N PHE D 81 -13.94 -34.49 8.32
CA PHE D 81 -13.79 -35.93 8.40
C PHE D 81 -12.95 -36.33 9.60
N LEU D 82 -13.16 -37.57 10.05
CA LEU D 82 -12.37 -38.15 11.14
C LEU D 82 -12.37 -39.66 10.94
N GLN D 83 -11.26 -40.19 10.43
CA GLN D 83 -11.18 -41.62 10.13
C GLN D 83 -10.98 -42.43 11.41
N MET D 84 -11.68 -43.56 11.49
CA MET D 84 -11.63 -44.45 12.64
C MET D 84 -10.72 -45.63 12.31
N THR D 85 -9.76 -45.90 13.18
CA THR D 85 -8.89 -47.06 13.02
C THR D 85 -8.30 -47.44 14.37
N SER D 86 -8.06 -48.74 14.55
CA SER D 86 -7.49 -49.30 15.76
C SER D 86 -8.29 -48.87 16.99
N LEU D 87 -9.59 -49.14 16.95
CA LEU D 87 -10.48 -48.75 18.03
C LEU D 87 -10.26 -49.63 19.26
N ARG D 88 -10.61 -49.08 20.42
CA ARG D 88 -10.51 -49.78 21.69
C ARG D 88 -11.85 -49.68 22.42
N SER D 89 -11.93 -50.33 23.58
CA SER D 89 -13.16 -50.32 24.37
C SER D 89 -13.30 -49.07 25.24
N GLU D 90 -12.28 -48.23 25.31
CA GLU D 90 -12.31 -47.02 26.12
C GLU D 90 -12.71 -45.79 25.32
N ASP D 91 -13.08 -45.97 24.04
CA ASP D 91 -13.40 -44.86 23.16
C ASP D 91 -14.90 -44.64 23.00
N THR D 92 -15.71 -45.25 23.86
CA THR D 92 -17.17 -45.11 23.78
C THR D 92 -17.55 -43.71 24.26
N ALA D 93 -17.80 -42.81 23.31
CA ALA D 93 -18.17 -41.44 23.64
C ALA D 93 -18.93 -40.83 22.48
N MET D 94 -19.62 -39.74 22.76
CA MET D 94 -20.36 -38.99 21.74
C MET D 94 -19.52 -37.79 21.32
N TYR D 95 -19.28 -37.68 20.02
CA TYR D 95 -18.32 -36.73 19.47
C TYR D 95 -19.03 -35.45 19.04
N TYR D 96 -18.49 -34.31 19.46
CA TYR D 96 -19.02 -33.00 19.12
C TYR D 96 -18.10 -32.31 18.11
N CYS D 97 -18.66 -31.32 17.42
CA CYS D 97 -17.91 -30.49 16.49
C CYS D 97 -18.03 -29.04 16.91
N VAL D 98 -16.89 -28.35 16.99
CA VAL D 98 -16.83 -26.97 17.47
C VAL D 98 -16.05 -26.13 16.48
N ARG D 99 -16.54 -24.91 16.23
CA ARG D 99 -15.87 -23.95 15.37
C ARG D 99 -15.18 -22.88 16.21
N SER D 100 -14.08 -22.35 15.69
CA SER D 100 -13.31 -21.34 16.40
C SER D 100 -12.56 -20.47 15.41
N ILE D 101 -12.57 -19.16 15.69
CA ILE D 101 -11.88 -18.17 14.86
C ILE D 101 -10.98 -17.35 15.77
N TYR D 102 -9.76 -17.07 15.31
CA TYR D 102 -8.75 -16.40 16.14
C TYR D 102 -8.25 -15.15 15.43
N TYR D 103 -8.64 -14.00 15.94
CA TYR D 103 -7.99 -12.73 15.62
C TYR D 103 -8.13 -11.83 16.85
N TYR D 104 -7.71 -10.57 16.72
CA TYR D 104 -7.75 -9.67 17.86
C TYR D 104 -9.19 -9.35 18.22
N GLY D 105 -9.67 -9.94 19.32
CA GLY D 105 -11.01 -9.70 19.80
C GLY D 105 -12.02 -10.78 19.49
N SER D 106 -11.60 -11.89 18.90
CA SER D 106 -12.52 -12.95 18.55
C SER D 106 -12.91 -13.77 19.78
N SER D 107 -14.02 -14.49 19.66
CA SER D 107 -14.56 -15.33 20.73
C SER D 107 -14.67 -16.76 20.23
N PRO D 108 -13.65 -17.58 20.43
CA PRO D 108 -13.70 -18.97 19.94
C PRO D 108 -14.70 -19.80 20.73
N PHE D 109 -14.99 -20.98 20.17
CA PHE D 109 -15.87 -21.97 20.80
C PHE D 109 -17.29 -21.43 20.99
N ASP D 110 -17.73 -20.53 20.11
CA ASP D 110 -19.04 -19.92 20.27
C ASP D 110 -20.17 -20.88 19.92
N PHE D 111 -20.02 -21.62 18.82
CA PHE D 111 -21.07 -22.49 18.32
C PHE D 111 -20.63 -23.94 18.42
N TRP D 112 -21.53 -24.79 18.92
CA TRP D 112 -21.26 -26.23 19.06
C TRP D 112 -22.30 -27.02 18.26
N GLY D 113 -21.85 -28.14 17.70
CA GLY D 113 -22.73 -28.99 16.94
C GLY D 113 -23.56 -29.91 17.82
N GLN D 114 -24.52 -30.58 17.18
CA GLN D 114 -25.38 -31.52 17.91
C GLN D 114 -24.63 -32.79 18.27
N GLY D 115 -23.77 -33.26 17.37
CA GLY D 115 -22.97 -34.44 17.62
C GLY D 115 -23.71 -35.74 17.27
N THR D 116 -22.92 -36.81 17.18
CA THR D 116 -23.43 -38.14 16.88
C THR D 116 -22.87 -39.14 17.88
N THR D 117 -23.69 -40.15 18.19
CA THR D 117 -23.32 -41.13 19.20
C THR D 117 -22.39 -42.18 18.62
N LEU D 118 -21.31 -42.47 19.34
CA LEU D 118 -20.35 -43.50 18.96
C LEU D 118 -20.12 -44.43 20.14
N THR D 119 -20.21 -45.73 19.91
CA THR D 119 -19.99 -46.72 20.95
C THR D 119 -19.57 -48.03 20.32
N VAL D 120 -18.81 -48.82 21.08
CA VAL D 120 -18.31 -50.11 20.63
C VAL D 120 -18.73 -51.19 21.62
N SER D 121 -18.78 -52.42 21.13
CA SER D 121 -19.16 -53.54 21.97
C SER D 121 -17.98 -54.00 22.83
N SER D 122 -18.27 -54.28 24.09
CA SER D 122 -17.25 -54.73 25.03
C SER D 122 -17.13 -56.25 25.02
N SER D 137 4.32 -31.98 33.25
CA SER D 137 3.19 -32.65 32.62
C SER D 137 2.35 -31.66 31.85
N ASP D 138 1.18 -31.33 32.38
CA ASP D 138 0.27 -30.39 31.74
C ASP D 138 -0.62 -29.76 32.80
N ILE D 139 -1.27 -28.66 32.42
CA ILE D 139 -2.14 -27.93 33.35
C ILE D 139 -3.35 -28.80 33.67
N VAL D 140 -3.74 -28.82 34.94
CA VAL D 140 -4.86 -29.62 35.42
C VAL D 140 -5.91 -28.70 36.02
N MET D 141 -7.16 -28.90 35.63
CA MET D 141 -8.29 -28.14 36.13
C MET D 141 -8.99 -28.95 37.21
N THR D 142 -9.14 -28.36 38.40
CA THR D 142 -9.76 -29.03 39.53
C THR D 142 -10.87 -28.14 40.09
N GLN D 143 -12.04 -28.74 40.30
CA GLN D 143 -13.18 -28.04 40.89
C GLN D 143 -13.31 -28.45 42.35
N ALA D 144 -13.49 -27.46 43.23
CA ALA D 144 -13.47 -27.73 44.66
C ALA D 144 -14.62 -28.63 45.09
N THR D 145 -15.82 -28.38 44.57
CA THR D 145 -17.01 -29.11 44.98
C THR D 145 -17.66 -29.76 43.77
N SER D 146 -18.02 -31.04 43.92
CA SER D 146 -18.62 -31.77 42.80
C SER D 146 -20.06 -31.31 42.55
N SER D 147 -20.85 -31.17 43.60
CA SER D 147 -22.25 -30.76 43.47
C SER D 147 -22.59 -29.73 44.53
N VAL D 148 -23.24 -28.65 44.12
CA VAL D 148 -23.60 -27.56 45.00
C VAL D 148 -25.11 -27.38 44.95
N PRO D 149 -25.80 -27.39 46.10
CA PRO D 149 -27.23 -27.09 46.10
C PRO D 149 -27.50 -25.65 45.72
N VAL D 150 -28.67 -25.42 45.14
CA VAL D 150 -29.06 -24.11 44.63
C VAL D 150 -30.39 -23.70 45.27
N THR D 151 -30.42 -22.50 45.85
CA THR D 151 -31.64 -21.91 46.40
C THR D 151 -32.27 -20.98 45.37
N PRO D 152 -33.54 -21.20 45.01
CA PRO D 152 -34.17 -20.35 43.98
C PRO D 152 -34.22 -18.89 44.42
N GLY D 153 -33.99 -18.00 43.46
CA GLY D 153 -34.06 -16.57 43.69
C GLY D 153 -32.87 -15.97 44.39
N GLU D 154 -31.85 -16.76 44.69
CA GLU D 154 -30.65 -16.29 45.38
C GLU D 154 -29.47 -16.22 44.42
N SER D 155 -28.30 -15.94 44.96
CA SER D 155 -27.07 -15.84 44.17
C SER D 155 -26.04 -16.81 44.74
N VAL D 156 -25.47 -17.65 43.86
CA VAL D 156 -24.45 -18.61 44.23
C VAL D 156 -23.26 -18.44 43.28
N SER D 157 -22.14 -19.06 43.65
CA SER D 157 -20.91 -18.96 42.88
C SER D 157 -20.27 -20.32 42.72
N ILE D 158 -19.52 -20.48 41.64
CA ILE D 158 -18.77 -21.70 41.33
C ILE D 158 -17.30 -21.33 41.18
N SER D 159 -16.43 -22.06 41.87
CA SER D 159 -15.02 -21.74 41.91
C SER D 159 -14.19 -22.93 41.46
N CYS D 160 -13.07 -22.64 40.80
CA CYS D 160 -12.12 -23.67 40.38
C CYS D 160 -10.74 -23.06 40.34
N ARG D 161 -9.72 -23.92 40.42
CA ARG D 161 -8.34 -23.49 40.46
C ARG D 161 -7.51 -24.33 39.49
N SER D 162 -6.26 -23.90 39.29
CA SER D 162 -5.36 -24.55 38.36
C SER D 162 -3.99 -24.72 39.00
N SER D 163 -3.24 -25.70 38.51
CA SER D 163 -1.88 -25.92 38.99
C SER D 163 -0.90 -24.88 38.48
N LYS D 164 -1.18 -24.30 37.31
CA LYS D 164 -0.31 -23.30 36.69
C LYS D 164 -1.09 -22.02 36.48
N SER D 165 -0.41 -20.88 36.66
CA SER D 165 -1.03 -19.58 36.47
C SER D 165 -1.39 -19.38 35.01
N LEU D 166 -2.56 -18.79 34.77
CA LEU D 166 -3.06 -18.54 33.43
C LEU D 166 -2.91 -17.08 33.01
N LEU D 167 -2.02 -16.34 33.68
CA LEU D 167 -1.78 -14.93 33.36
C LEU D 167 -0.53 -14.84 32.49
N HIS D 168 -0.66 -14.17 31.35
CA HIS D 168 0.41 -14.08 30.37
C HIS D 168 1.02 -12.69 30.38
N SER D 169 2.14 -12.56 29.65
CA SER D 169 2.86 -11.28 29.60
C SER D 169 2.01 -10.20 28.94
N ASN D 170 1.26 -10.55 27.90
CA ASN D 170 0.44 -9.57 27.20
C ASN D 170 -0.72 -9.06 28.03
N GLY D 171 -1.04 -9.72 29.16
CA GLY D 171 -2.12 -9.30 30.02
C GLY D 171 -3.41 -10.05 29.83
N ASN D 172 -3.52 -10.87 28.79
CA ASN D 172 -4.74 -11.62 28.51
C ASN D 172 -4.64 -13.01 29.14
N THR D 173 -5.69 -13.39 29.88
CA THR D 173 -5.77 -14.71 30.48
C THR D 173 -6.71 -15.60 29.65
N TYR D 174 -6.50 -16.90 29.75
CA TYR D 174 -7.24 -17.87 28.93
C TYR D 174 -8.01 -18.81 29.85
N LEU D 175 -9.22 -18.40 30.23
CA LEU D 175 -10.14 -19.25 30.97
C LEU D 175 -11.51 -19.14 30.34
N TYR D 176 -12.18 -20.28 30.17
CA TYR D 176 -13.47 -20.34 29.49
C TYR D 176 -14.49 -21.06 30.37
N TRP D 177 -15.74 -20.65 30.24
CA TRP D 177 -16.86 -21.26 30.96
C TRP D 177 -17.88 -21.77 29.97
N PHE D 178 -18.34 -23.00 30.18
CA PHE D 178 -19.34 -23.62 29.32
C PHE D 178 -20.48 -24.17 30.17
N LEU D 179 -21.71 -23.99 29.68
CA LEU D 179 -22.90 -24.50 30.33
C LEU D 179 -23.56 -25.53 29.44
N GLN D 180 -23.91 -26.68 30.00
CA GLN D 180 -24.60 -27.74 29.29
C GLN D 180 -25.93 -28.00 29.95
N ARG D 181 -27.02 -27.75 29.23
CA ARG D 181 -28.34 -28.04 29.75
C ARG D 181 -28.55 -29.56 29.79
N PRO D 182 -29.45 -30.04 30.65
CA PRO D 182 -29.73 -31.48 30.69
C PRO D 182 -30.26 -31.98 29.36
N GLY D 183 -29.48 -32.86 28.72
CA GLY D 183 -29.84 -33.35 27.41
C GLY D 183 -29.79 -32.31 26.31
N GLN D 184 -28.77 -31.47 26.30
CA GLN D 184 -28.63 -30.43 25.30
C GLN D 184 -27.16 -30.13 25.06
N SER D 185 -26.87 -29.55 23.90
CA SER D 185 -25.49 -29.24 23.55
C SER D 185 -24.99 -28.06 24.38
N PRO D 186 -23.72 -28.05 24.77
CA PRO D 186 -23.18 -26.94 25.55
C PRO D 186 -23.06 -25.67 24.73
N GLN D 187 -23.05 -24.54 25.44
CA GLN D 187 -22.92 -23.23 24.81
C GLN D 187 -21.91 -22.40 25.61
N LEU D 188 -21.29 -21.44 24.93
CA LEU D 188 -20.27 -20.60 25.54
C LEU D 188 -20.91 -19.49 26.36
N LEU D 189 -20.49 -19.35 27.61
CA LEU D 189 -20.98 -18.29 28.49
C LEU D 189 -20.00 -17.13 28.60
N ILE D 190 -18.77 -17.41 29.04
CA ILE D 190 -17.77 -16.38 29.28
C ILE D 190 -16.43 -16.86 28.74
N TYR D 191 -15.73 -16.00 28.02
CA TYR D 191 -14.41 -16.30 27.49
C TYR D 191 -13.39 -15.32 28.06
N ARG D 192 -12.21 -15.83 28.40
CA ARG D 192 -11.12 -15.05 28.99
C ARG D 192 -11.51 -14.45 30.34
N MET D 193 -12.44 -15.10 31.03
CA MET D 193 -12.82 -14.90 32.43
C MET D 193 -13.50 -13.56 32.71
N SER D 194 -13.58 -12.66 31.74
CA SER D 194 -14.17 -11.35 31.98
C SER D 194 -15.07 -10.84 30.86
N ASN D 195 -15.21 -11.58 29.77
CA ASN D 195 -16.00 -11.14 28.62
C ASN D 195 -17.21 -12.04 28.47
N LEU D 196 -18.37 -11.42 28.26
CA LEU D 196 -19.63 -12.15 28.12
C LEU D 196 -19.91 -12.40 26.64
N ALA D 197 -20.24 -13.64 26.30
CA ALA D 197 -20.53 -13.99 24.93
C ALA D 197 -21.87 -13.41 24.48
N SER D 198 -22.02 -13.25 23.17
CA SER D 198 -23.26 -12.72 22.61
C SER D 198 -24.39 -13.72 22.79
N GLY D 199 -25.59 -13.19 23.05
CA GLY D 199 -26.76 -14.02 23.25
C GLY D 199 -26.95 -14.55 24.65
N VAL D 200 -26.08 -14.19 25.58
CA VAL D 200 -26.15 -14.65 26.97
C VAL D 200 -26.67 -13.51 27.83
N PRO D 201 -27.63 -13.75 28.72
CA PRO D 201 -28.13 -12.66 29.57
C PRO D 201 -27.07 -12.17 30.55
N ASP D 202 -27.26 -10.93 30.99
CA ASP D 202 -26.29 -10.28 31.87
C ASP D 202 -26.32 -10.81 33.30
N ARG D 203 -27.10 -11.85 33.58
CA ARG D 203 -27.10 -12.44 34.92
C ARG D 203 -25.73 -13.03 35.27
N PHE D 204 -25.12 -13.73 34.31
CA PHE D 204 -23.83 -14.36 34.56
C PHE D 204 -22.71 -13.32 34.62
N SER D 205 -21.73 -13.57 35.47
CA SER D 205 -20.57 -12.70 35.61
C SER D 205 -19.38 -13.54 36.04
N GLY D 206 -18.27 -13.39 35.33
CA GLY D 206 -17.05 -14.13 35.61
C GLY D 206 -16.04 -13.26 36.34
N SER D 207 -15.18 -13.91 37.12
CA SER D 207 -14.18 -13.20 37.90
C SER D 207 -13.03 -14.15 38.21
N GLY D 208 -11.90 -13.57 38.60
CA GLY D 208 -10.72 -14.35 38.93
C GLY D 208 -9.55 -13.44 39.20
N SER D 209 -8.49 -14.05 39.74
CA SER D 209 -7.28 -13.30 40.06
C SER D 209 -6.10 -14.28 40.04
N GLY D 210 -5.36 -14.28 38.94
CA GLY D 210 -4.13 -15.05 38.85
C GLY D 210 -4.35 -16.54 38.65
N THR D 211 -4.80 -17.23 39.70
CA THR D 211 -4.96 -18.67 39.66
C THR D 211 -6.30 -19.17 40.19
N ALA D 212 -7.05 -18.36 40.92
CA ALA D 212 -8.36 -18.75 41.43
C ALA D 212 -9.44 -17.98 40.69
N PHE D 213 -10.39 -18.71 40.11
CA PHE D 213 -11.45 -18.12 39.30
C PHE D 213 -12.80 -18.54 39.85
N THR D 214 -13.69 -17.56 40.03
CA THR D 214 -15.05 -17.80 40.51
C THR D 214 -16.05 -17.21 39.54
N LEU D 215 -17.11 -17.97 39.25
CA LEU D 215 -18.19 -17.52 38.38
C LEU D 215 -19.38 -17.13 39.24
N THR D 216 -19.88 -15.92 39.05
CA THR D 216 -20.95 -15.35 39.85
C THR D 216 -22.21 -15.19 39.03
N ILE D 217 -23.34 -15.58 39.61
CA ILE D 217 -24.66 -15.46 38.98
C ILE D 217 -25.51 -14.55 39.86
N SER D 218 -26.10 -13.53 39.23
CA SER D 218 -26.95 -12.60 39.98
C SER D 218 -28.17 -13.31 40.55
N ARG D 219 -28.91 -14.02 39.73
CA ARG D 219 -30.07 -14.78 40.16
C ARG D 219 -30.19 -16.05 39.33
N LEU D 220 -30.63 -17.12 39.97
CA LEU D 220 -30.83 -18.40 39.30
C LEU D 220 -32.31 -18.63 39.04
N GLU D 221 -32.63 -19.04 37.82
CA GLU D 221 -34.00 -19.28 37.39
C GLU D 221 -34.18 -20.75 37.03
N ALA D 222 -35.36 -21.09 36.51
CA ALA D 222 -35.63 -22.46 36.11
C ALA D 222 -34.79 -22.89 34.92
N GLU D 223 -34.49 -21.96 34.01
CA GLU D 223 -33.68 -22.29 32.84
C GLU D 223 -32.20 -22.42 33.18
N ASP D 224 -31.74 -21.71 34.23
CA ASP D 224 -30.32 -21.62 34.54
C ASP D 224 -29.73 -22.93 35.07
N VAL D 225 -30.56 -23.93 35.39
CA VAL D 225 -30.04 -25.19 35.90
C VAL D 225 -29.25 -25.90 34.81
N GLY D 226 -28.08 -26.41 35.16
CA GLY D 226 -27.26 -27.10 34.20
C GLY D 226 -25.95 -27.55 34.82
N VAL D 227 -25.02 -27.96 33.95
CA VAL D 227 -23.70 -28.41 34.35
C VAL D 227 -22.67 -27.44 33.78
N TYR D 228 -21.76 -26.97 34.63
CA TYR D 228 -20.76 -26.00 34.24
C TYR D 228 -19.40 -26.68 34.08
N TYR D 229 -18.59 -26.14 33.15
CA TYR D 229 -17.27 -26.66 32.87
C TYR D 229 -16.27 -25.51 32.79
N CYS D 230 -15.02 -25.83 33.05
CA CYS D 230 -13.92 -24.87 33.00
C CYS D 230 -12.87 -25.34 32.00
N MET D 231 -12.27 -24.39 31.29
CA MET D 231 -11.33 -24.69 30.22
C MET D 231 -10.10 -23.80 30.32
N GLN D 232 -9.02 -24.27 29.71
CA GLN D 232 -7.78 -23.50 29.61
C GLN D 232 -7.30 -23.52 28.16
N HIS D 233 -6.66 -22.44 27.74
CA HIS D 233 -6.19 -22.32 26.37
C HIS D 233 -4.78 -21.74 26.28
N LEU D 234 -3.99 -21.84 27.35
CA LEU D 234 -2.62 -21.34 27.31
C LEU D 234 -1.76 -22.16 26.36
N GLU D 235 -1.96 -23.48 26.33
CA GLU D 235 -1.17 -24.37 25.51
C GLU D 235 -1.96 -25.63 25.23
N TYR D 236 -1.51 -26.40 24.24
CA TYR D 236 -2.13 -27.67 23.89
C TYR D 236 -1.47 -28.78 24.72
N PRO D 237 -2.21 -29.78 25.18
CA PRO D 237 -3.63 -30.04 24.95
C PRO D 237 -4.55 -29.17 25.80
N LEU D 238 -5.85 -29.20 25.53
CA LEU D 238 -6.85 -28.42 26.26
C LEU D 238 -7.48 -29.34 27.30
N THR D 239 -7.38 -28.96 28.56
CA THR D 239 -7.88 -29.79 29.65
C THR D 239 -9.21 -29.25 30.17
N PHE D 240 -10.13 -30.15 30.46
CA PHE D 240 -11.47 -29.81 30.92
C PHE D 240 -11.65 -30.27 32.36
N GLY D 241 -12.12 -29.35 33.20
CA GLY D 241 -12.45 -29.73 34.57
C GLY D 241 -13.73 -30.53 34.66
N ALA D 242 -13.84 -31.30 35.73
CA ALA D 242 -15.03 -32.11 35.94
C ALA D 242 -16.25 -31.23 36.13
N GLY D 243 -17.36 -31.64 35.51
CA GLY D 243 -18.57 -30.84 35.58
C GLY D 243 -19.16 -30.80 36.97
N THR D 244 -19.82 -29.69 37.28
CA THR D 244 -20.47 -29.50 38.58
C THR D 244 -21.97 -29.62 38.40
N LYS D 245 -22.58 -30.57 39.10
CA LYS D 245 -24.01 -30.81 38.98
C LYS D 245 -24.77 -29.84 39.88
N LEU D 246 -25.60 -29.00 39.25
CA LEU D 246 -26.41 -28.04 40.00
C LEU D 246 -27.71 -28.72 40.40
N GLU D 247 -27.89 -28.92 41.70
CA GLU D 247 -29.05 -29.60 42.24
C GLU D 247 -29.92 -28.63 43.04
N LEU D 248 -31.23 -28.73 42.85
CA LEU D 248 -32.18 -27.88 43.56
C LEU D 248 -32.32 -28.33 45.02
N VAL E 162 58.51 -1.70 -10.94
CA VAL E 162 57.92 -1.50 -12.26
C VAL E 162 58.54 -0.28 -12.92
N PHE E 163 57.79 0.33 -13.84
CA PHE E 163 58.25 1.51 -14.56
C PHE E 163 57.86 2.77 -13.77
N GLY E 164 58.50 2.91 -12.62
CA GLY E 164 58.26 4.04 -11.74
C GLY E 164 57.11 3.80 -10.77
N VAL E 165 57.10 4.60 -9.70
CA VAL E 165 56.05 4.50 -8.70
C VAL E 165 54.70 4.98 -9.20
N LEU E 166 54.66 5.64 -10.37
CA LEU E 166 53.39 6.08 -10.94
C LEU E 166 52.48 4.91 -11.25
N ILE E 167 53.06 3.82 -11.78
CA ILE E 167 52.26 2.63 -12.08
C ILE E 167 51.67 2.04 -10.80
N LEU E 168 52.48 1.96 -9.74
CA LEU E 168 51.99 1.44 -8.47
C LEU E 168 50.89 2.32 -7.89
N THR E 169 51.06 3.64 -7.97
CA THR E 169 50.02 4.55 -7.49
C THR E 169 48.74 4.40 -8.30
N LEU E 170 48.86 4.24 -9.61
CA LEU E 170 47.68 4.03 -10.45
C LEU E 170 46.97 2.73 -10.10
N LEU E 171 47.74 1.66 -9.86
CA LEU E 171 47.12 0.39 -9.47
C LEU E 171 46.41 0.49 -8.13
N GLY E 172 47.04 1.18 -7.16
CA GLY E 172 46.38 1.39 -5.89
C GLY E 172 45.11 2.20 -6.00
N PHE E 173 45.14 3.25 -6.83
CA PHE E 173 43.94 4.04 -7.06
C PHE E 173 42.85 3.22 -7.73
N LEU E 174 43.23 2.34 -8.66
CA LEU E 174 42.27 1.44 -9.28
C LEU E 174 41.64 0.51 -8.25
N VAL E 175 42.46 -0.05 -7.36
CA VAL E 175 41.94 -0.93 -6.32
C VAL E 175 40.93 -0.17 -5.46
N ALA E 176 41.32 1.04 -5.00
CA ALA E 176 40.44 1.81 -4.14
C ALA E 176 39.13 2.18 -4.85
N ALA E 177 39.21 2.57 -6.12
CA ALA E 177 38.01 2.97 -6.84
C ALA E 177 37.08 1.79 -7.07
N THR E 178 37.61 0.67 -7.56
CA THR E 178 36.78 -0.50 -7.81
C THR E 178 36.25 -1.13 -6.53
N PHE E 179 36.86 -0.86 -5.38
CA PHE E 179 36.25 -1.31 -4.13
C PHE E 179 35.15 -0.34 -3.68
N ALA E 180 35.47 0.96 -3.65
CA ALA E 180 34.55 1.95 -3.10
C ALA E 180 33.28 2.07 -3.94
N TRP E 181 33.43 2.09 -5.27
CA TRP E 181 32.25 2.25 -6.13
C TRP E 181 31.30 1.08 -5.99
N ASN E 182 31.83 -0.14 -5.96
CA ASN E 182 30.98 -1.32 -5.81
C ASN E 182 30.35 -1.36 -4.42
N LEU E 183 31.09 -0.95 -3.38
CA LEU E 183 30.49 -0.84 -2.06
C LEU E 183 29.33 0.16 -2.05
N LEU E 184 29.54 1.31 -2.70
CA LEU E 184 28.50 2.32 -2.76
C LEU E 184 27.26 1.81 -3.50
N VAL E 185 27.47 1.10 -4.62
CA VAL E 185 26.35 0.57 -5.37
C VAL E 185 25.58 -0.46 -4.54
N LEU E 186 26.31 -1.36 -3.90
CA LEU E 186 25.67 -2.40 -3.08
C LEU E 186 24.90 -1.78 -1.92
N ALA E 187 25.45 -0.72 -1.31
CA ALA E 187 24.72 -0.03 -0.26
C ALA E 187 23.48 0.66 -0.81
N THR E 188 23.58 1.25 -2.00
CA THR E 188 22.45 1.99 -2.56
C THR E 188 21.28 1.07 -2.89
N ILE E 189 21.56 -0.10 -3.45
CA ILE E 189 20.48 -1.02 -3.81
C ILE E 189 19.65 -1.39 -2.58
N LEU E 190 20.31 -1.65 -1.46
CA LEU E 190 19.58 -2.00 -0.25
C LEU E 190 18.95 -0.79 0.42
N ARG E 191 19.60 0.38 0.34
CA ARG E 191 19.07 1.57 0.99
C ARG E 191 17.79 2.05 0.32
N VAL E 192 17.77 2.07 -1.01
CA VAL E 192 16.58 2.54 -1.73
C VAL E 192 15.57 1.40 -1.78
N ARG E 193 14.35 1.68 -1.33
CA ARG E 193 13.31 0.66 -1.26
C ARG E 193 12.45 0.59 -2.52
N THR E 194 12.67 1.48 -3.48
CA THR E 194 12.07 1.32 -4.80
C THR E 194 12.90 0.42 -5.71
N PHE E 195 14.08 0.01 -5.26
CA PHE E 195 14.96 -0.88 -6.02
C PHE E 195 14.71 -2.34 -5.66
N HIS E 196 13.46 -2.76 -5.74
CA HIS E 196 13.05 -4.13 -5.44
C HIS E 196 12.25 -4.73 -6.58
N ARG E 197 12.72 -4.51 -7.80
CA ARG E 197 12.06 -5.01 -9.01
C ARG E 197 12.89 -6.10 -9.65
N VAL E 198 12.31 -6.72 -10.67
CA VAL E 198 12.95 -7.89 -11.29
C VAL E 198 14.32 -7.57 -11.89
N PRO E 199 14.50 -6.53 -12.71
CA PRO E 199 15.80 -6.29 -13.34
C PRO E 199 16.86 -5.72 -12.41
N HIS E 200 16.61 -5.66 -11.10
CA HIS E 200 17.59 -5.10 -10.16
C HIS E 200 18.36 -6.17 -9.40
N ASN E 201 17.86 -7.40 -9.34
CA ASN E 201 18.60 -8.46 -8.66
C ASN E 201 19.86 -8.82 -9.43
N LEU E 202 19.80 -8.78 -10.76
CA LEU E 202 21.00 -9.07 -11.56
C LEU E 202 22.09 -8.04 -11.32
N VAL E 203 21.72 -6.78 -11.13
CA VAL E 203 22.71 -5.74 -10.86
C VAL E 203 23.39 -5.98 -9.52
N ALA E 204 22.64 -6.47 -8.53
CA ALA E 204 23.25 -6.78 -7.24
C ALA E 204 24.27 -7.91 -7.35
N SER E 205 23.92 -8.96 -8.12
CA SER E 205 24.87 -10.04 -8.34
C SER E 205 26.10 -9.56 -9.09
N MET E 206 25.90 -8.70 -10.09
CA MET E 206 27.01 -8.09 -10.79
C MET E 206 27.91 -7.32 -9.83
N ALA E 207 27.33 -6.51 -8.96
CA ALA E 207 28.12 -5.70 -8.03
C ALA E 207 28.89 -6.56 -7.05
N VAL E 208 28.26 -7.61 -6.50
CA VAL E 208 28.95 -8.42 -5.51
C VAL E 208 30.06 -9.23 -6.18
N SER E 209 29.82 -9.76 -7.37
CA SER E 209 30.87 -10.48 -8.08
C SER E 209 32.01 -9.54 -8.48
N ASP E 210 31.70 -8.28 -8.78
CA ASP E 210 32.73 -7.34 -9.17
C ASP E 210 33.53 -6.83 -7.98
N VAL E 211 32.94 -6.83 -6.78
CA VAL E 211 33.66 -6.38 -5.60
C VAL E 211 34.47 -7.51 -4.96
N LEU E 212 34.01 -8.77 -5.07
CA LEU E 212 34.74 -9.87 -4.49
C LEU E 212 36.11 -10.07 -5.13
N VAL E 213 36.29 -9.64 -6.39
CA VAL E 213 37.60 -9.72 -7.03
C VAL E 213 38.47 -8.54 -6.66
N ALA E 214 37.89 -7.34 -6.56
CA ALA E 214 38.68 -6.17 -6.21
C ALA E 214 39.16 -6.22 -4.77
N ALA E 215 38.33 -6.73 -3.86
CA ALA E 215 38.68 -6.70 -2.44
C ALA E 215 39.80 -7.67 -2.09
N LEU E 216 39.77 -8.88 -2.65
CA LEU E 216 40.65 -9.94 -2.16
C LEU E 216 41.34 -10.75 -3.26
N VAL E 217 41.35 -10.29 -4.52
CA VAL E 217 42.03 -11.02 -5.57
C VAL E 217 43.06 -10.12 -6.23
N MET E 218 42.82 -8.82 -6.21
CA MET E 218 43.73 -7.88 -6.85
C MET E 218 44.93 -7.54 -5.97
N PRO E 219 44.76 -7.24 -4.67
CA PRO E 219 45.95 -7.00 -3.84
C PRO E 219 46.88 -8.20 -3.77
N LEU E 220 46.33 -9.42 -3.78
CA LEU E 220 47.17 -10.61 -3.78
C LEU E 220 48.04 -10.68 -5.03
N SER E 221 47.45 -10.38 -6.20
CA SER E 221 48.23 -10.34 -7.42
C SER E 221 49.27 -9.22 -7.38
N LEU E 222 48.90 -8.08 -6.77
CA LEU E 222 49.82 -6.96 -6.68
C LEU E 222 51.05 -7.32 -5.86
N VAL E 223 50.84 -7.95 -4.71
CA VAL E 223 51.98 -8.33 -3.88
C VAL E 223 52.76 -9.48 -4.52
N HIS E 224 52.06 -10.37 -5.25
CA HIS E 224 52.74 -11.45 -5.94
C HIS E 224 53.70 -10.92 -7.00
N GLU E 225 53.25 -9.93 -7.77
CA GLU E 225 54.05 -9.37 -8.85
C GLU E 225 54.87 -8.16 -8.41
N LEU E 226 54.76 -7.74 -7.15
CA LEU E 226 55.49 -6.56 -6.68
C LEU E 226 57.00 -6.77 -6.78
N SER E 227 57.48 -7.95 -6.38
CA SER E 227 58.91 -8.23 -6.41
C SER E 227 59.10 -9.73 -6.64
N GLY E 228 59.49 -10.09 -7.87
CA GLY E 228 59.78 -11.47 -8.19
C GLY E 228 58.54 -12.32 -8.39
N ARG E 229 58.65 -13.32 -9.26
CA ARG E 229 57.54 -14.24 -9.52
C ARG E 229 57.64 -15.44 -8.58
N ARG E 230 57.62 -15.15 -7.28
CA ARG E 230 57.80 -16.16 -6.26
C ARG E 230 56.72 -15.94 -5.20
N TRP E 231 55.95 -17.00 -4.92
CA TRP E 231 54.80 -16.88 -4.03
C TRP E 231 55.25 -16.78 -2.58
N GLN E 232 54.56 -15.92 -1.82
CA GLN E 232 54.94 -15.66 -0.44
C GLN E 232 54.77 -16.91 0.42
N LEU E 233 53.60 -17.53 0.36
CA LEU E 233 53.29 -18.70 1.17
C LEU E 233 53.47 -19.97 0.35
N GLY E 234 53.15 -21.10 0.97
CA GLY E 234 53.25 -22.38 0.31
C GLY E 234 52.00 -22.75 -0.46
N ARG E 235 51.51 -23.97 -0.27
CA ARG E 235 50.32 -24.45 -0.96
C ARG E 235 49.03 -24.06 -0.24
N ARG E 236 49.17 -23.36 0.89
CA ARG E 236 47.97 -22.94 1.67
C ARG E 236 47.30 -21.75 0.97
N LEU E 237 48.07 -20.89 0.31
CA LEU E 237 47.50 -19.68 -0.31
C LEU E 237 47.40 -19.83 -1.84
N CYS E 238 48.43 -20.38 -2.48
CA CYS E 238 48.43 -20.46 -3.96
C CYS E 238 47.08 -21.02 -4.44
N GLN E 239 46.65 -22.16 -3.90
CA GLN E 239 45.40 -22.80 -4.35
C GLN E 239 44.21 -21.86 -4.08
N LEU E 240 44.20 -21.20 -2.92
CA LEU E 240 43.06 -20.30 -2.56
C LEU E 240 43.05 -19.07 -3.47
N TRP E 241 44.19 -18.43 -3.67
CA TRP E 241 44.25 -17.20 -4.51
C TRP E 241 43.91 -17.55 -5.96
N ILE E 242 44.42 -18.68 -6.46
CA ILE E 242 44.18 -19.07 -7.88
C ILE E 242 42.78 -19.67 -8.01
N ALA E 243 41.96 -19.59 -6.94
CA ALA E 243 40.59 -20.16 -6.97
C ALA E 243 39.57 -19.06 -7.29
N CYS E 244 39.46 -18.05 -6.41
CA CYS E 244 38.49 -16.95 -6.65
C CYS E 244 38.89 -16.20 -7.93
N ASP E 245 40.19 -16.20 -8.26
CA ASP E 245 40.61 -15.60 -9.54
C ASP E 245 39.90 -16.17 -10.78
N VAL E 246 39.60 -17.47 -10.76
CA VAL E 246 38.93 -18.15 -11.92
C VAL E 246 37.46 -18.41 -11.57
N LEU E 247 36.93 -17.74 -10.55
CA LEU E 247 35.51 -17.93 -10.14
C LEU E 247 34.84 -16.57 -10.01
N CYS E 248 35.54 -15.60 -9.43
CA CYS E 248 34.95 -14.25 -9.20
C CYS E 248 35.12 -13.41 -10.46
N CYS E 249 35.78 -13.95 -11.49
CA CYS E 249 35.91 -13.23 -12.78
C CYS E 249 34.93 -13.84 -13.80
N THR E 250 34.79 -15.18 -13.81
CA THR E 250 33.86 -15.85 -14.73
C THR E 250 32.43 -15.49 -14.38
N ALA E 251 32.17 -15.26 -13.09
CA ALA E 251 30.79 -14.96 -12.64
C ALA E 251 30.43 -13.53 -13.02
N SER E 252 31.41 -12.77 -13.50
CA SER E 252 31.15 -11.37 -13.95
C SER E 252 30.83 -11.40 -15.45
N ILE E 253 31.59 -12.17 -16.23
CA ILE E 253 31.33 -12.29 -17.70
C ILE E 253 29.90 -12.84 -17.90
N TRP E 254 29.50 -13.84 -17.13
CA TRP E 254 28.17 -14.47 -17.32
C TRP E 254 27.06 -13.59 -16.75
N ASN E 255 27.41 -12.62 -15.91
CA ASN E 255 26.40 -11.66 -15.38
C ASN E 255 26.08 -10.63 -16.48
N VAL E 256 27.09 -10.21 -17.24
CA VAL E 256 26.87 -9.28 -18.39
C VAL E 256 25.98 -9.99 -19.43
N THR E 257 26.26 -11.26 -19.73
CA THR E 257 25.44 -12.02 -20.69
C THR E 257 24.02 -12.14 -20.19
N ALA E 258 23.84 -12.20 -18.87
CA ALA E 258 22.49 -12.38 -18.28
C ALA E 258 21.65 -11.10 -18.45
N ILE E 259 22.24 -9.95 -18.14
CA ILE E 259 21.50 -8.65 -18.27
C ILE E 259 21.10 -8.45 -19.74
N ALA E 260 21.94 -8.89 -20.69
CA ALA E 260 21.64 -8.73 -22.13
C ALA E 260 20.43 -9.58 -22.52
N LEU E 261 20.42 -10.86 -22.17
CA LEU E 261 19.30 -11.76 -22.58
C LEU E 261 17.98 -11.24 -22.02
N ASP E 262 17.99 -10.66 -20.82
CA ASP E 262 16.74 -10.04 -20.30
C ASP E 262 16.20 -8.92 -21.19
N ARG E 263 17.03 -7.92 -21.49
CA ARG E 263 16.62 -6.79 -22.35
C ARG E 263 16.08 -7.32 -23.70
N TYR E 264 16.63 -8.43 -24.20
CA TYR E 264 16.23 -8.94 -25.53
C TYR E 264 14.83 -9.52 -25.44
N TRP E 265 14.57 -10.33 -24.41
CA TRP E 265 13.26 -11.02 -24.32
C TRP E 265 12.17 -10.05 -23.87
N SER E 266 12.52 -8.83 -23.44
CA SER E 266 11.52 -7.84 -23.00
C SER E 266 11.23 -6.84 -24.13
N ILE E 267 11.95 -6.94 -25.25
CA ILE E 267 11.73 -6.04 -26.42
C ILE E 267 11.31 -6.88 -27.62
N THR E 268 11.69 -8.16 -27.63
CA THR E 268 11.38 -9.06 -28.77
C THR E 268 10.14 -9.88 -28.47
N ARG E 269 9.90 -10.20 -27.20
CA ARG E 269 8.72 -11.02 -26.79
C ARG E 269 8.06 -10.40 -25.56
N HIS E 270 7.49 -9.20 -25.68
CA HIS E 270 6.90 -8.50 -24.50
C HIS E 270 5.60 -9.17 -24.06
N MET E 271 5.06 -10.08 -24.89
CA MET E 271 3.76 -10.72 -24.57
C MET E 271 3.97 -11.79 -23.49
N GLU E 272 4.70 -12.85 -23.82
CA GLU E 272 4.89 -13.99 -22.87
C GLU E 272 5.70 -13.54 -21.65
N TYR E 273 6.59 -12.55 -21.82
CA TYR E 273 7.42 -12.06 -20.69
C TYR E 273 6.52 -11.29 -19.73
N THR E 274 5.82 -12.00 -18.84
CA THR E 274 4.90 -11.35 -17.90
C THR E 274 5.65 -10.88 -16.68
N LEU E 275 4.95 -10.66 -15.57
CA LEU E 275 5.60 -10.22 -14.31
C LEU E 275 6.04 -11.46 -13.50
N ARG E 276 5.68 -12.66 -13.96
CA ARG E 276 6.09 -13.91 -13.28
C ARG E 276 7.20 -14.58 -14.11
N THR E 277 6.86 -15.07 -15.31
CA THR E 277 7.88 -15.66 -16.21
C THR E 277 9.16 -14.87 -16.05
N ARG E 278 9.07 -13.54 -16.05
CA ARG E 278 10.27 -12.68 -15.92
C ARG E 278 11.04 -13.04 -14.64
N LYS E 279 10.44 -12.82 -13.47
CA LYS E 279 11.15 -13.08 -12.19
C LYS E 279 11.72 -14.51 -12.19
N CYS E 280 10.94 -15.49 -12.61
CA CYS E 280 11.39 -16.90 -12.59
C CYS E 280 12.70 -17.04 -13.39
N VAL E 281 12.66 -16.75 -14.69
CA VAL E 281 13.87 -16.91 -15.55
C VAL E 281 15.03 -16.09 -14.95
N SER E 282 14.75 -14.88 -14.47
CA SER E 282 15.80 -14.04 -13.84
C SER E 282 16.54 -14.82 -12.75
N ASN E 283 15.84 -15.24 -11.70
CA ASN E 283 16.48 -15.94 -10.55
C ASN E 283 17.16 -17.25 -11.00
N VAL E 284 16.52 -18.00 -11.90
CA VAL E 284 17.15 -19.25 -12.43
C VAL E 284 18.54 -18.90 -12.98
N MET E 285 18.66 -17.81 -13.75
CA MET E 285 19.95 -17.44 -14.38
C MET E 285 20.96 -17.02 -13.30
N ILE E 286 20.52 -16.35 -12.24
CA ILE E 286 21.46 -15.86 -11.17
C ILE E 286 22.05 -17.07 -10.46
N ALA E 287 21.43 -18.25 -10.59
CA ALA E 287 21.96 -19.47 -9.97
C ALA E 287 22.93 -20.16 -10.93
N LEU E 288 22.45 -20.58 -12.10
CA LEU E 288 23.33 -21.25 -13.10
C LEU E 288 24.65 -20.47 -13.27
N THR E 289 24.60 -19.14 -13.33
CA THR E 289 25.81 -18.30 -13.47
C THR E 289 26.82 -18.67 -12.40
N TRP E 290 26.44 -18.56 -11.12
CA TRP E 290 27.39 -18.81 -10.00
C TRP E 290 27.76 -20.30 -9.93
N ALA E 291 26.83 -21.19 -10.28
CA ALA E 291 27.15 -22.64 -10.30
C ALA E 291 28.29 -22.92 -11.28
N LEU E 292 28.11 -22.54 -12.54
CA LEU E 292 29.15 -22.83 -13.57
C LEU E 292 30.50 -22.26 -13.10
N SER E 293 30.52 -21.01 -12.63
CA SER E 293 31.77 -20.39 -12.13
C SER E 293 32.49 -21.38 -11.21
N ALA E 294 31.82 -21.86 -10.15
CA ALA E 294 32.41 -22.83 -9.21
C ALA E 294 32.97 -24.04 -9.96
N VAL E 295 32.13 -24.71 -10.77
CA VAL E 295 32.57 -25.93 -11.49
C VAL E 295 33.98 -25.71 -12.08
N ILE E 296 34.15 -24.71 -12.94
CA ILE E 296 35.47 -24.49 -13.62
C ILE E 296 36.56 -24.21 -12.56
N SER E 297 36.31 -23.26 -11.65
CA SER E 297 37.35 -22.86 -10.65
C SER E 297 37.86 -24.09 -9.89
N LEU E 298 36.96 -24.93 -9.39
CA LEU E 298 37.35 -26.11 -8.57
C LEU E 298 37.35 -27.38 -9.43
N ALA E 299 37.88 -27.30 -10.65
CA ALA E 299 37.95 -28.48 -11.54
C ALA E 299 39.38 -29.05 -11.58
N PRO E 300 40.45 -28.24 -11.78
CA PRO E 300 41.84 -28.75 -11.75
C PRO E 300 42.32 -28.92 -10.31
N LEU E 301 41.40 -29.28 -9.41
CA LEU E 301 41.76 -29.42 -7.97
C LEU E 301 40.95 -30.56 -7.33
N LEU E 302 39.62 -30.49 -7.41
CA LEU E 302 38.77 -31.50 -6.72
C LEU E 302 38.44 -32.67 -7.68
N PHE E 303 39.34 -32.96 -8.61
CA PHE E 303 39.14 -34.11 -9.55
C PHE E 303 40.52 -34.53 -10.06
N GLY E 304 41.53 -33.67 -9.87
CA GLY E 304 42.91 -34.00 -10.30
C GLY E 304 43.15 -33.57 -11.72
N TRP E 305 43.97 -32.52 -11.92
CA TRP E 305 44.22 -31.99 -13.28
C TRP E 305 45.31 -30.92 -13.22
N GLY E 306 46.07 -30.77 -14.31
CA GLY E 306 47.10 -29.70 -14.39
C GLY E 306 48.04 -29.68 -13.22
N GLU E 307 48.50 -28.49 -12.83
CA GLU E 307 49.48 -28.36 -11.72
C GLU E 307 48.82 -27.71 -10.49
N THR E 308 48.67 -26.38 -10.50
CA THR E 308 48.10 -25.66 -9.34
C THR E 308 48.90 -26.04 -8.11
N TYR E 309 50.17 -26.41 -8.29
CA TYR E 309 51.04 -26.80 -7.15
C TYR E 309 52.44 -26.24 -7.40
N SER E 310 52.62 -25.63 -8.58
CA SER E 310 53.93 -25.04 -8.95
C SER E 310 55.06 -25.94 -8.41
N GLU E 311 55.98 -25.36 -7.63
CA GLU E 311 57.12 -26.13 -7.05
C GLU E 311 57.77 -25.30 -5.95
N GLY E 312 59.04 -25.60 -5.63
CA GLY E 312 59.77 -24.79 -4.64
C GLY E 312 59.99 -23.38 -5.18
N SER E 313 59.97 -23.23 -6.51
CA SER E 313 60.13 -21.89 -7.14
C SER E 313 58.87 -21.05 -6.88
N GLU E 314 57.81 -21.67 -6.39
CA GLU E 314 56.57 -20.92 -6.04
C GLU E 314 56.12 -20.07 -7.24
N GLU E 315 55.79 -20.73 -8.36
CA GLU E 315 55.33 -20.00 -9.58
C GLU E 315 53.80 -20.08 -9.67
N CYS E 316 53.10 -19.65 -8.61
CA CYS E 316 51.62 -19.71 -8.60
C CYS E 316 51.07 -19.34 -9.98
N GLN E 317 50.41 -20.30 -10.66
CA GLN E 317 49.82 -20.04 -12.01
C GLN E 317 48.64 -20.99 -12.24
N VAL E 318 47.57 -20.52 -12.90
CA VAL E 318 46.41 -21.38 -13.22
C VAL E 318 46.90 -22.57 -14.07
N SER E 319 46.24 -23.73 -13.98
CA SER E 319 46.72 -24.92 -14.72
C SER E 319 47.02 -24.58 -16.19
N ARG E 320 48.07 -25.16 -16.75
CA ARG E 320 48.41 -24.97 -18.15
C ARG E 320 48.23 -26.25 -18.96
N GLU E 321 47.28 -27.08 -18.56
CA GLU E 321 46.98 -28.30 -19.31
C GLU E 321 46.41 -27.93 -20.67
N PRO E 322 46.87 -28.54 -21.76
CA PRO E 322 46.34 -28.18 -23.09
C PRO E 322 44.84 -28.36 -23.23
N SER E 323 44.24 -29.29 -22.50
CA SER E 323 42.79 -29.47 -22.55
C SER E 323 42.05 -28.53 -21.61
N TYR E 324 42.61 -28.29 -20.41
CA TYR E 324 41.95 -27.40 -19.47
C TYR E 324 41.88 -25.98 -20.02
N ALA E 325 42.94 -25.53 -20.71
CA ALA E 325 42.94 -24.17 -21.25
C ALA E 325 41.79 -23.98 -22.23
N VAL E 326 41.66 -24.86 -23.21
CA VAL E 326 40.60 -24.71 -24.20
C VAL E 326 39.23 -24.87 -23.55
N PHE E 327 39.09 -25.86 -22.67
CA PHE E 327 37.80 -26.06 -21.99
C PHE E 327 37.37 -24.81 -21.24
N SER E 328 38.24 -24.29 -20.39
CA SER E 328 37.88 -23.14 -19.56
C SER E 328 37.65 -21.89 -20.40
N THR E 329 38.52 -21.63 -21.37
CA THR E 329 38.34 -20.43 -22.19
C THR E 329 37.04 -20.48 -22.98
N VAL E 330 36.74 -21.64 -23.59
CA VAL E 330 35.51 -21.76 -24.36
C VAL E 330 34.29 -21.63 -23.46
N GLY E 331 34.32 -22.27 -22.30
CA GLY E 331 33.17 -22.21 -21.42
C GLY E 331 33.00 -20.90 -20.68
N ALA E 332 34.04 -20.06 -20.67
CA ALA E 332 33.98 -18.81 -19.93
C ALA E 332 33.80 -17.57 -20.79
N PHE E 333 34.42 -17.50 -21.97
CA PHE E 333 34.43 -16.25 -22.73
C PHE E 333 33.73 -16.34 -24.08
N TYR E 334 34.08 -17.32 -24.92
CA TYR E 334 33.66 -17.28 -26.32
C TYR E 334 32.14 -17.40 -26.46
N LEU E 335 31.52 -18.31 -25.72
CA LEU E 335 30.07 -18.43 -25.77
C LEU E 335 29.36 -17.17 -25.27
N PRO E 336 29.72 -16.58 -24.12
CA PRO E 336 29.11 -15.28 -23.77
C PRO E 336 29.36 -14.19 -24.80
N LEU E 337 30.55 -14.18 -25.41
CA LEU E 337 30.85 -13.16 -26.42
C LEU E 337 29.90 -13.29 -27.61
N CYS E 338 29.73 -14.51 -28.13
CA CYS E 338 28.83 -14.71 -29.26
C CYS E 338 27.39 -14.37 -28.89
N VAL E 339 26.94 -14.81 -27.71
CA VAL E 339 25.56 -14.54 -27.30
C VAL E 339 25.32 -13.03 -27.19
N VAL E 340 26.25 -12.32 -26.56
CA VAL E 340 26.09 -10.88 -26.37
C VAL E 340 26.07 -10.17 -27.73
N LEU E 341 26.98 -10.53 -28.62
CA LEU E 341 27.01 -9.89 -29.94
C LEU E 341 25.70 -10.10 -30.68
N PHE E 342 25.20 -11.34 -30.68
CA PHE E 342 23.96 -11.63 -31.41
C PHE E 342 22.78 -10.87 -30.83
N VAL E 343 22.62 -10.92 -29.51
CA VAL E 343 21.45 -10.29 -28.91
C VAL E 343 21.50 -8.78 -29.06
N TYR E 344 22.69 -8.18 -28.98
CA TYR E 344 22.75 -6.73 -29.12
C TYR E 344 22.59 -6.30 -30.57
N TRP E 345 23.01 -7.12 -31.54
CA TRP E 345 22.69 -6.83 -32.93
C TRP E 345 21.18 -6.83 -33.15
N LYS E 346 20.50 -7.85 -32.61
CA LYS E 346 19.04 -7.92 -32.74
C LYS E 346 18.37 -6.72 -32.10
N ILE E 347 18.82 -6.35 -30.89
CA ILE E 347 18.22 -5.22 -30.18
C ILE E 347 18.44 -3.92 -30.95
N TYR E 348 19.64 -3.73 -31.50
CA TYR E 348 19.91 -2.51 -32.25
C TYR E 348 19.05 -2.43 -33.49
N LYS E 349 18.87 -3.55 -34.20
CA LYS E 349 17.99 -3.53 -35.36
C LYS E 349 16.55 -3.20 -34.97
N ALA E 350 16.08 -3.78 -33.86
CA ALA E 350 14.72 -3.50 -33.41
C ALA E 350 14.55 -2.02 -33.04
N ALA E 351 15.55 -1.45 -32.36
CA ALA E 351 15.48 -0.04 -32.00
C ALA E 351 15.55 0.87 -33.21
N LYS E 352 16.32 0.47 -34.23
CA LYS E 352 16.33 1.23 -35.48
C LYS E 352 14.97 1.20 -36.15
N PHE E 353 14.34 0.02 -36.20
CA PHE E 353 13.05 -0.10 -36.87
C PHE E 353 11.96 0.67 -36.13
N ARG E 354 12.00 0.66 -34.80
CA ARG E 354 10.95 1.29 -34.00
C ARG E 354 11.10 2.81 -33.92
N VAL E 355 11.96 3.41 -34.74
CA VAL E 355 12.14 4.86 -34.80
C VAL E 355 11.61 5.43 -36.11
N GLY E 356 12.02 4.84 -37.24
CA GLY E 356 11.56 5.33 -38.53
C GLY E 356 10.07 5.16 -38.74
N SER E 357 9.53 4.02 -38.33
CA SER E 357 8.10 3.75 -38.49
C SER E 357 7.49 3.29 -37.16
N ARG E 400 14.11 13.32 -33.45
CA ARG E 400 14.39 13.47 -34.87
C ARG E 400 15.58 12.61 -35.29
N GLU E 401 16.78 13.05 -34.92
CA GLU E 401 18.01 12.33 -35.21
C GLU E 401 18.77 11.91 -33.97
N GLN E 402 18.55 12.56 -32.82
CA GLN E 402 19.20 12.15 -31.59
C GLN E 402 18.78 10.74 -31.18
N LYS E 403 17.50 10.42 -31.35
CA LYS E 403 17.01 9.09 -31.02
C LYS E 403 17.66 8.01 -31.88
N GLU E 404 18.24 8.39 -33.01
CA GLU E 404 18.94 7.45 -33.88
C GLU E 404 20.44 7.45 -33.67
N GLN E 405 21.03 8.58 -33.28
CA GLN E 405 22.47 8.68 -33.09
C GLN E 405 22.90 8.44 -31.65
N ARG E 406 21.97 8.23 -30.72
CA ARG E 406 22.32 7.87 -29.36
C ARG E 406 22.26 6.37 -29.10
N ALA E 407 21.31 5.68 -29.72
CA ALA E 407 21.20 4.23 -29.54
C ALA E 407 22.44 3.51 -30.04
N ALA E 408 22.92 3.90 -31.23
CA ALA E 408 24.13 3.29 -31.78
C ALA E 408 25.33 3.56 -30.90
N LEU E 409 25.45 4.79 -30.39
CA LEU E 409 26.55 5.12 -29.50
C LEU E 409 26.51 4.27 -28.24
N MET E 410 25.33 4.11 -27.64
CA MET E 410 25.22 3.32 -26.41
C MET E 410 25.59 1.86 -26.65
N VAL E 411 25.06 1.27 -27.73
CA VAL E 411 25.34 -0.13 -28.02
C VAL E 411 26.82 -0.32 -28.33
N GLY E 412 27.41 0.59 -29.10
CA GLY E 412 28.82 0.51 -29.40
C GLY E 412 29.69 0.63 -28.17
N ILE E 413 29.34 1.54 -27.26
CA ILE E 413 30.10 1.67 -26.02
C ILE E 413 30.04 0.38 -25.23
N LEU E 414 28.84 -0.20 -25.08
CA LEU E 414 28.71 -1.45 -24.35
C LEU E 414 29.58 -2.54 -24.97
N ILE E 415 29.45 -2.76 -26.28
CA ILE E 415 30.16 -3.86 -26.93
C ILE E 415 31.67 -3.63 -26.87
N GLY E 416 32.12 -2.41 -27.15
CA GLY E 416 33.55 -2.15 -27.12
C GLY E 416 34.15 -2.29 -25.74
N VAL E 417 33.47 -1.77 -24.72
CA VAL E 417 33.99 -1.88 -23.36
C VAL E 417 34.07 -3.35 -22.95
N PHE E 418 33.05 -4.13 -23.28
CA PHE E 418 33.09 -5.55 -22.91
C PHE E 418 34.17 -6.30 -23.67
N VAL E 419 34.40 -5.95 -24.94
CA VAL E 419 35.23 -6.79 -25.80
C VAL E 419 36.70 -6.43 -25.66
N LEU E 420 37.04 -5.13 -25.69
CA LEU E 420 38.44 -4.75 -25.70
C LEU E 420 39.15 -5.10 -24.40
N CYS E 421 38.41 -5.23 -23.30
CA CYS E 421 39.00 -5.51 -22.00
C CYS E 421 39.22 -6.99 -21.75
N TRP E 422 38.71 -7.88 -22.60
CA TRP E 422 38.87 -9.31 -22.40
C TRP E 422 39.37 -10.08 -23.61
N ILE E 423 39.23 -9.56 -24.82
CA ILE E 423 39.58 -10.32 -26.03
C ILE E 423 41.08 -10.54 -26.18
N PRO E 424 41.98 -9.64 -25.77
CA PRO E 424 43.40 -9.98 -25.95
C PRO E 424 43.89 -11.03 -24.97
N PHE E 425 43.58 -10.95 -23.69
CA PHE E 425 43.91 -12.01 -22.73
C PHE E 425 43.47 -13.39 -23.12
N PHE E 426 42.20 -13.63 -23.37
CA PHE E 426 41.76 -14.96 -23.62
C PHE E 426 42.30 -15.59 -24.84
N LEU E 427 42.36 -14.84 -25.89
CA LEU E 427 42.97 -15.36 -27.10
C LEU E 427 44.45 -15.70 -26.84
N THR E 428 45.25 -14.87 -26.12
CA THR E 428 46.64 -15.24 -25.77
C THR E 428 46.69 -16.49 -24.94
N GLU E 429 45.82 -16.64 -23.93
CA GLU E 429 45.93 -17.86 -23.20
C GLU E 429 45.69 -19.00 -24.10
N LEU E 430 44.64 -19.01 -24.89
CA LEU E 430 44.43 -20.23 -25.66
C LEU E 430 45.55 -20.46 -26.63
N ILE E 431 46.14 -19.38 -27.14
CA ILE E 431 47.17 -19.61 -28.20
C ILE E 431 48.49 -20.07 -27.57
N SER E 432 48.90 -19.49 -26.43
CA SER E 432 50.23 -19.83 -25.86
C SER E 432 50.48 -21.31 -25.54
N PRO E 433 49.80 -21.95 -24.55
CA PRO E 433 50.02 -23.39 -24.26
C PRO E 433 49.87 -24.24 -25.52
N LEU E 434 48.68 -24.27 -26.11
CA LEU E 434 48.43 -25.14 -27.28
C LEU E 434 49.50 -24.93 -28.36
N CYS E 435 49.69 -23.71 -28.87
CA CYS E 435 50.66 -23.53 -29.99
C CYS E 435 52.10 -23.65 -29.47
N SER E 436 52.26 -23.99 -28.19
CA SER E 436 53.62 -24.13 -27.60
C SER E 436 54.46 -22.90 -27.94
N CYS E 437 53.86 -21.71 -27.83
CA CYS E 437 54.59 -20.44 -28.12
C CYS E 437 54.78 -19.65 -26.82
N ASP E 438 55.98 -19.14 -26.59
CA ASP E 438 56.24 -18.31 -25.37
C ASP E 438 56.17 -16.80 -25.61
N ILE E 439 55.46 -16.07 -24.75
CA ILE E 439 55.33 -14.63 -24.90
C ILE E 439 56.08 -13.94 -23.78
N PRO E 440 56.52 -12.69 -23.95
CA PRO E 440 57.21 -11.99 -22.87
C PRO E 440 56.31 -11.83 -21.65
N ALA E 441 56.94 -11.82 -20.47
CA ALA E 441 56.22 -11.76 -19.20
C ALA E 441 55.61 -10.38 -18.92
N ILE E 442 55.93 -9.37 -19.72
CA ILE E 442 55.37 -8.05 -19.55
C ILE E 442 54.00 -7.92 -20.20
N TRP E 443 53.85 -8.47 -21.42
CA TRP E 443 52.56 -8.41 -22.11
C TRP E 443 51.49 -9.18 -21.34
N LYS E 444 51.86 -10.35 -20.80
CA LYS E 444 50.92 -11.12 -19.99
C LYS E 444 50.45 -10.33 -18.78
N SER E 445 51.39 -9.66 -18.09
CA SER E 445 51.02 -8.86 -16.94
C SER E 445 50.09 -7.71 -17.35
N ILE E 446 50.40 -7.04 -18.46
CA ILE E 446 49.57 -5.92 -18.91
C ILE E 446 48.17 -6.41 -19.24
N PHE E 447 48.06 -7.56 -19.90
CA PHE E 447 46.75 -8.12 -20.20
C PHE E 447 46.01 -8.48 -18.91
N LEU E 448 46.74 -8.97 -17.90
CA LEU E 448 46.11 -9.24 -16.61
C LEU E 448 45.55 -7.98 -15.98
N TRP E 449 46.31 -6.87 -16.02
CA TRP E 449 45.78 -5.64 -15.45
C TRP E 449 44.60 -5.11 -16.26
N LEU E 450 44.60 -5.30 -17.57
CA LEU E 450 43.43 -4.90 -18.37
C LEU E 450 42.19 -5.70 -17.96
N GLY E 451 42.36 -7.01 -17.82
CA GLY E 451 41.25 -7.83 -17.38
C GLY E 451 40.72 -7.44 -16.01
N TYR E 452 41.63 -7.15 -15.08
CA TYR E 452 41.21 -6.70 -13.76
C TYR E 452 40.57 -5.32 -13.80
N SER E 453 41.04 -4.45 -14.69
CA SER E 453 40.54 -3.09 -14.77
C SER E 453 39.18 -3.01 -15.46
N ASN E 454 38.80 -4.04 -16.21
CA ASN E 454 37.46 -4.06 -16.78
C ASN E 454 36.41 -3.91 -15.68
N SER E 455 36.71 -4.39 -14.48
CA SER E 455 35.79 -4.24 -13.35
C SER E 455 35.56 -2.77 -13.00
N PHE E 456 36.50 -1.89 -13.35
CA PHE E 456 36.28 -0.47 -13.10
C PHE E 456 35.22 0.09 -14.05
N PHE E 457 35.32 -0.25 -15.33
CA PHE E 457 34.34 0.22 -16.31
C PHE E 457 32.98 -0.46 -16.15
N ASN E 458 32.95 -1.65 -15.56
CA ASN E 458 31.71 -2.43 -15.52
C ASN E 458 30.54 -1.71 -14.85
N PRO E 459 30.69 -1.02 -13.72
CA PRO E 459 29.57 -0.23 -13.19
C PRO E 459 29.46 1.18 -13.75
N LEU E 460 30.41 1.60 -14.59
CA LEU E 460 30.31 2.90 -15.26
C LEU E 460 29.14 2.96 -16.22
N ILE E 461 28.63 1.81 -16.67
CA ILE E 461 27.61 1.76 -17.72
C ILE E 461 26.25 1.38 -17.14
N TYR E 462 26.15 0.21 -16.51
CA TYR E 462 24.86 -0.32 -16.08
C TYR E 462 24.27 0.45 -14.90
N THR E 463 25.04 1.31 -14.24
CA THR E 463 24.55 2.03 -13.07
C THR E 463 24.64 3.55 -13.22
N ALA E 464 25.74 4.06 -13.77
CA ALA E 464 25.93 5.51 -13.82
C ALA E 464 24.99 6.18 -14.81
N PHE E 465 24.81 5.58 -15.98
CA PHE E 465 24.02 6.20 -17.04
C PHE E 465 22.52 6.03 -16.84
N ASN E 466 22.09 5.25 -15.86
CA ASN E 466 20.67 5.10 -15.59
C ASN E 466 20.12 6.38 -14.96
N LYS E 467 18.78 6.48 -14.91
CA LYS E 467 18.14 7.66 -14.36
C LYS E 467 17.95 7.53 -12.85
N ASN E 468 17.28 6.47 -12.41
CA ASN E 468 17.01 6.30 -10.98
C ASN E 468 18.29 6.14 -10.18
N TYR E 469 19.25 5.38 -10.71
CA TYR E 469 20.51 5.18 -10.00
C TYR E 469 21.29 6.48 -9.89
N ASN E 470 21.33 7.28 -10.96
CA ASN E 470 22.01 8.56 -10.91
C ASN E 470 21.33 9.51 -9.92
N SER E 471 19.99 9.50 -9.91
CA SER E 471 19.27 10.34 -8.95
C SER E 471 19.57 9.92 -7.52
N ALA E 472 19.61 8.61 -7.26
CA ALA E 472 19.95 8.13 -5.92
C ALA E 472 21.37 8.51 -5.53
N PHE E 473 22.31 8.41 -6.48
CA PHE E 473 23.69 8.80 -6.20
C PHE E 473 23.79 10.29 -5.88
N LYS E 474 23.05 11.12 -6.63
CA LYS E 474 23.05 12.55 -6.34
C LYS E 474 22.42 12.84 -4.99
N ASN E 475 21.36 12.12 -4.63
CA ASN E 475 20.76 12.27 -3.32
C ASN E 475 21.75 11.91 -2.22
N PHE E 476 22.49 10.83 -2.40
CA PHE E 476 23.54 10.47 -1.46
C PHE E 476 24.67 11.49 -1.50
N PHE E 477 25.34 11.67 -0.36
CA PHE E 477 26.43 12.63 -0.26
C PHE E 477 27.70 12.06 -0.87
#